data_2KV5
#
_entry.id   2KV5
#
_entity_poly.entity_id   1
_entity_poly.type   'polypeptide(L)'
_entity_poly.pdbx_seq_one_letter_code
;MKDLMSLVIAPIFVGLVLEMISRVLDEEDDSRK
;
_entity_poly.pdbx_strand_id   A
#
# COMPACT_ATOMS: atom_id res chain seq x y z
N MET A 1 -9.64 -22.95 5.99
CA MET A 1 -8.57 -22.56 6.93
C MET A 1 -7.78 -21.36 6.40
N LYS A 2 -7.41 -20.47 7.32
CA LYS A 2 -6.65 -19.27 6.95
C LYS A 2 -5.24 -19.31 7.49
N ASP A 3 -4.80 -20.50 7.92
CA ASP A 3 -3.46 -20.66 8.47
C ASP A 3 -2.52 -19.58 7.96
N LEU A 4 -2.51 -19.40 6.64
CA LEU A 4 -1.69 -18.39 6.01
C LEU A 4 -2.52 -17.33 5.28
N MET A 5 -3.76 -17.68 4.95
CA MET A 5 -4.64 -16.75 4.23
C MET A 5 -4.76 -15.43 4.98
N SER A 6 -4.93 -15.51 6.29
CA SER A 6 -5.05 -14.31 7.12
C SER A 6 -3.68 -13.68 7.38
N LEU A 7 -2.63 -14.34 6.89
CA LEU A 7 -1.27 -13.85 7.09
C LEU A 7 -0.75 -13.15 5.83
N VAL A 8 -1.39 -13.41 4.69
CA VAL A 8 -0.96 -12.78 3.44
C VAL A 8 -1.71 -11.47 3.18
N ILE A 9 -3.03 -11.49 3.37
CA ILE A 9 -3.87 -10.32 3.16
C ILE A 9 -3.68 -9.29 4.29
N ALA A 10 -3.39 -9.79 5.48
CA ALA A 10 -3.20 -8.92 6.65
C ALA A 10 -2.09 -7.90 6.41
N PRO A 11 -0.85 -8.35 6.18
CA PRO A 11 0.29 -7.47 5.95
C PRO A 11 0.13 -6.61 4.69
N ILE A 12 -0.16 -7.26 3.56
CA ILE A 12 -0.33 -6.56 2.30
C ILE A 12 -1.29 -5.38 2.44
N PHE A 13 -2.21 -5.49 3.39
CA PHE A 13 -3.18 -4.43 3.64
C PHE A 13 -2.48 -3.18 4.16
N VAL A 14 -2.01 -3.25 5.40
CA VAL A 14 -1.32 -2.13 6.02
C VAL A 14 -0.14 -1.67 5.17
N GLY A 15 0.37 -2.56 4.32
CA GLY A 15 1.50 -2.21 3.47
C GLY A 15 1.06 -1.47 2.22
N LEU A 16 -0.15 -1.73 1.76
CA LEU A 16 -0.66 -1.08 0.56
C LEU A 16 -1.30 0.26 0.91
N VAL A 17 -1.83 0.37 2.12
CA VAL A 17 -2.46 1.61 2.57
C VAL A 17 -1.40 2.62 2.96
N LEU A 18 -0.56 2.23 3.91
CA LEU A 18 0.51 3.10 4.39
C LEU A 18 1.30 3.69 3.22
N GLU A 19 1.34 2.96 2.11
CA GLU A 19 2.05 3.41 0.93
C GLU A 19 1.22 4.45 0.18
N MET A 20 -0.08 4.22 0.09
CA MET A 20 -1.00 5.13 -0.59
C MET A 20 -0.82 6.56 -0.10
N ILE A 21 -0.65 6.71 1.20
CA ILE A 21 -0.47 8.03 1.80
C ILE A 21 0.97 8.47 1.72
N SER A 22 1.89 7.51 1.79
CA SER A 22 3.32 7.82 1.72
C SER A 22 3.65 8.54 0.43
N ARG A 23 2.89 8.27 -0.62
CA ARG A 23 3.10 8.91 -1.91
C ARG A 23 2.61 10.35 -1.87
N VAL A 24 1.43 10.54 -1.26
CA VAL A 24 0.86 11.87 -1.14
C VAL A 24 1.83 12.81 -0.44
N LEU A 25 2.62 12.23 0.46
CA LEU A 25 3.61 12.99 1.20
C LEU A 25 4.64 13.62 0.27
N ASP A 26 4.73 13.12 -0.96
CA ASP A 26 5.68 13.65 -1.90
C ASP A 26 5.22 13.45 -3.35
N GLU A 27 3.90 13.44 -3.54
CA GLU A 27 3.34 13.27 -4.88
C GLU A 27 2.95 14.61 -5.49
N GLU A 28 3.96 15.39 -5.86
CA GLU A 28 3.72 16.70 -6.46
C GLU A 28 3.34 16.57 -7.93
N ASP A 29 4.33 16.27 -8.77
CA ASP A 29 4.10 16.12 -10.20
C ASP A 29 4.35 14.68 -10.64
N ASP A 30 3.56 14.21 -11.59
CA ASP A 30 3.69 12.85 -12.11
C ASP A 30 4.57 12.83 -13.35
N SER A 31 4.25 13.68 -14.31
CA SER A 31 5.01 13.76 -15.56
C SER A 31 4.49 14.88 -16.44
N ARG A 32 5.39 15.50 -17.20
CA ARG A 32 5.02 16.59 -18.10
C ARG A 32 4.71 16.06 -19.50
N LYS A 33 3.45 16.24 -19.92
CA LYS A 33 3.03 15.79 -21.24
C LYS A 33 3.34 16.83 -22.30
N MET A 1 -10.33 -19.83 12.19
CA MET A 1 -9.21 -20.45 11.44
C MET A 1 -8.56 -19.45 10.48
N LYS A 2 -7.32 -19.07 10.79
CA LYS A 2 -6.60 -18.11 9.95
C LYS A 2 -5.42 -18.77 9.25
N ASP A 3 -5.40 -20.10 9.23
CA ASP A 3 -4.32 -20.85 8.60
C ASP A 3 -3.63 -20.01 7.54
N LEU A 4 -4.41 -19.40 6.66
CA LEU A 4 -3.87 -18.55 5.61
C LEU A 4 -4.34 -17.10 5.72
N MET A 5 -5.53 -16.90 6.28
CA MET A 5 -6.08 -15.56 6.43
C MET A 5 -5.05 -14.58 7.00
N SER A 6 -4.43 -14.97 8.10
CA SER A 6 -3.42 -14.13 8.73
C SER A 6 -2.19 -13.99 7.84
N LEU A 7 -2.04 -14.91 6.90
CA LEU A 7 -0.91 -14.88 5.97
C LEU A 7 -1.26 -14.06 4.72
N VAL A 8 -2.55 -13.78 4.54
CA VAL A 8 -2.99 -13.01 3.39
C VAL A 8 -3.14 -11.53 3.75
N ILE A 9 -4.03 -11.24 4.69
CA ILE A 9 -4.28 -9.87 5.12
C ILE A 9 -3.01 -9.22 5.68
N ALA A 10 -2.05 -10.05 6.10
CA ALA A 10 -0.80 -9.55 6.65
C ALA A 10 0.07 -8.88 5.59
N PRO A 11 0.52 -9.64 4.58
CA PRO A 11 1.36 -9.10 3.50
C PRO A 11 0.66 -8.02 2.69
N ILE A 12 -0.59 -8.27 2.32
CA ILE A 12 -1.37 -7.31 1.54
C ILE A 12 -1.44 -5.96 2.23
N PHE A 13 -1.24 -5.96 3.54
CA PHE A 13 -1.28 -4.73 4.32
C PHE A 13 -0.17 -3.78 3.89
N VAL A 14 1.07 -4.16 4.19
CA VAL A 14 2.23 -3.34 3.85
C VAL A 14 2.20 -2.92 2.38
N GLY A 15 1.55 -3.72 1.54
CA GLY A 15 1.46 -3.42 0.13
C GLY A 15 0.45 -2.33 -0.17
N LEU A 16 -0.64 -2.30 0.61
CA LEU A 16 -1.68 -1.30 0.42
C LEU A 16 -1.32 0.01 1.11
N VAL A 17 -0.56 -0.08 2.20
CA VAL A 17 -0.14 1.10 2.93
C VAL A 17 0.94 1.84 2.17
N LEU A 18 2.03 1.13 1.90
CA LEU A 18 3.16 1.70 1.18
C LEU A 18 2.69 2.46 -0.06
N GLU A 19 1.57 2.00 -0.63
CA GLU A 19 1.00 2.64 -1.81
C GLU A 19 0.21 3.89 -1.43
N MET A 20 -0.60 3.77 -0.38
CA MET A 20 -1.42 4.87 0.10
C MET A 20 -0.59 6.14 0.28
N ILE A 21 0.64 5.98 0.77
CA ILE A 21 1.52 7.11 0.99
C ILE A 21 2.28 7.44 -0.29
N SER A 22 2.64 6.41 -1.04
CA SER A 22 3.37 6.59 -2.28
C SER A 22 2.62 7.52 -3.22
N ARG A 23 1.29 7.53 -3.11
CA ARG A 23 0.46 8.39 -3.94
C ARG A 23 0.54 9.83 -3.45
N VAL A 24 0.51 10.00 -2.13
CA VAL A 24 0.59 11.33 -1.53
C VAL A 24 1.86 12.03 -1.99
N LEU A 25 2.90 11.23 -2.21
CA LEU A 25 4.17 11.76 -2.65
C LEU A 25 4.03 12.48 -3.99
N ASP A 26 2.96 12.19 -4.70
CA ASP A 26 2.73 12.81 -6.00
C ASP A 26 1.25 12.87 -6.33
N GLU A 27 0.42 13.05 -5.31
CA GLU A 27 -1.02 13.12 -5.48
C GLU A 27 -1.41 14.41 -6.22
N GLU A 28 -0.66 15.48 -5.98
CA GLU A 28 -0.93 16.76 -6.62
C GLU A 28 0.38 17.48 -6.94
N ASP A 29 0.30 18.46 -7.82
CA ASP A 29 1.47 19.25 -8.22
C ASP A 29 2.52 18.34 -8.84
N ASP A 30 2.49 18.22 -10.17
CA ASP A 30 3.46 17.39 -10.88
C ASP A 30 4.62 18.23 -11.41
N SER A 31 5.84 17.80 -11.10
CA SER A 31 7.03 18.51 -11.55
C SER A 31 7.84 17.66 -12.53
N ARG A 32 7.92 16.37 -12.26
CA ARG A 32 8.65 15.45 -13.12
C ARG A 32 7.94 15.25 -14.45
N LYS A 33 8.72 15.04 -15.50
CA LYS A 33 8.16 14.85 -16.83
C LYS A 33 7.35 16.06 -17.28
N MET A 1 -1.04 -21.02 14.70
CA MET A 1 -2.22 -20.25 15.16
C MET A 1 -2.51 -19.08 14.22
N LYS A 2 -2.18 -19.26 12.95
CA LYS A 2 -2.41 -18.22 11.95
C LYS A 2 -3.48 -18.63 10.95
N ASP A 3 -4.25 -19.67 11.28
CA ASP A 3 -5.31 -20.16 10.41
C ASP A 3 -5.78 -19.05 9.48
N LEU A 4 -6.09 -17.90 10.05
CA LEU A 4 -6.52 -16.75 9.28
C LEU A 4 -5.56 -15.57 9.40
N MET A 5 -4.76 -15.56 10.47
CA MET A 5 -3.80 -14.48 10.70
C MET A 5 -2.94 -14.25 9.46
N SER A 6 -2.42 -15.34 8.89
CA SER A 6 -1.58 -15.24 7.70
C SER A 6 -2.41 -14.87 6.48
N LEU A 7 -3.73 -15.05 6.58
CA LEU A 7 -4.63 -14.72 5.47
C LEU A 7 -5.11 -13.28 5.56
N VAL A 8 -4.89 -12.65 6.71
CA VAL A 8 -5.30 -11.27 6.93
C VAL A 8 -4.14 -10.31 6.64
N ILE A 9 -3.08 -10.43 7.43
CA ILE A 9 -1.91 -9.57 7.28
C ILE A 9 -1.30 -9.72 5.88
N ALA A 10 -1.57 -10.83 5.21
CA ALA A 10 -1.03 -11.09 3.88
C ALA A 10 -1.63 -10.14 2.84
N PRO A 11 -2.95 -10.21 2.61
CA PRO A 11 -3.63 -9.36 1.63
C PRO A 11 -3.54 -7.88 1.98
N ILE A 12 -3.84 -7.55 3.23
CA ILE A 12 -3.79 -6.17 3.70
C ILE A 12 -2.46 -5.51 3.37
N PHE A 13 -1.42 -6.33 3.24
CA PHE A 13 -0.09 -5.83 2.93
C PHE A 13 -0.06 -5.25 1.53
N VAL A 14 -0.19 -6.11 0.52
CA VAL A 14 -0.19 -5.68 -0.87
C VAL A 14 -1.19 -4.55 -1.11
N GLY A 15 -2.22 -4.47 -0.28
CA GLY A 15 -3.22 -3.44 -0.41
C GLY A 15 -2.76 -2.11 0.17
N LEU A 16 -2.02 -2.18 1.27
CA LEU A 16 -1.52 -0.97 1.92
C LEU A 16 -0.32 -0.40 1.18
N VAL A 17 0.46 -1.28 0.56
CA VAL A 17 1.64 -0.85 -0.19
C VAL A 17 1.24 -0.18 -1.48
N LEU A 18 0.35 -0.85 -2.22
CA LEU A 18 -0.12 -0.34 -3.49
C LEU A 18 -0.60 1.11 -3.35
N GLU A 19 -1.14 1.43 -2.18
CA GLU A 19 -1.63 2.78 -1.90
C GLU A 19 -0.47 3.74 -1.68
N MET A 20 0.54 3.26 -0.95
CA MET A 20 1.72 4.07 -0.67
C MET A 20 2.32 4.66 -1.93
N ILE A 21 2.13 3.98 -3.05
CA ILE A 21 2.65 4.45 -4.32
C ILE A 21 1.52 4.96 -5.21
N SER A 22 0.39 4.27 -5.17
CA SER A 22 -0.77 4.66 -5.97
C SER A 22 -1.17 6.10 -5.65
N ARG A 23 -0.87 6.52 -4.43
CA ARG A 23 -1.16 7.88 -4.00
C ARG A 23 -0.07 8.84 -4.45
N VAL A 24 1.15 8.32 -4.56
CA VAL A 24 2.28 9.12 -5.01
C VAL A 24 2.03 9.63 -6.42
N LEU A 25 1.33 8.82 -7.21
CA LEU A 25 1.01 9.19 -8.57
C LEU A 25 0.18 10.47 -8.62
N ASP A 26 -0.30 10.91 -7.46
CA ASP A 26 -1.11 12.11 -7.40
C ASP A 26 -1.01 12.76 -6.03
N GLU A 27 0.11 12.55 -5.34
CA GLU A 27 0.33 13.12 -4.03
C GLU A 27 0.33 14.65 -4.10
N GLU A 28 0.99 15.20 -5.11
CA GLU A 28 1.07 16.64 -5.27
C GLU A 28 1.82 16.99 -6.56
N ASP A 29 1.49 18.14 -7.14
CA ASP A 29 2.12 18.60 -8.37
C ASP A 29 3.62 18.76 -8.17
N ASP A 30 4.39 18.38 -9.19
CA ASP A 30 5.84 18.49 -9.13
C ASP A 30 6.27 19.94 -8.93
N SER A 31 7.43 20.12 -8.29
CA SER A 31 7.95 21.46 -8.03
C SER A 31 9.23 21.71 -8.84
N ARG A 32 9.31 21.09 -10.00
CA ARG A 32 10.49 21.23 -10.87
C ARG A 32 11.75 20.78 -10.15
N LYS A 33 12.89 20.99 -10.78
CA LYS A 33 14.18 20.61 -10.20
C LYS A 33 15.27 21.59 -10.60
N MET A 1 -11.32 -21.61 7.51
CA MET A 1 -9.94 -21.87 7.99
C MET A 1 -8.97 -20.80 7.49
N LYS A 2 -8.42 -20.03 8.42
CA LYS A 2 -7.48 -18.97 8.07
C LYS A 2 -6.08 -19.28 8.56
N ASP A 3 -5.84 -20.54 8.94
CA ASP A 3 -4.53 -20.95 9.43
C ASP A 3 -3.44 -20.02 8.91
N LEU A 4 -3.44 -19.83 7.60
CA LEU A 4 -2.46 -18.95 6.97
C LEU A 4 -3.13 -17.76 6.27
N MET A 5 -4.44 -17.84 6.05
CA MET A 5 -5.17 -16.76 5.40
C MET A 5 -4.98 -15.44 6.15
N SER A 6 -5.13 -15.49 7.47
CA SER A 6 -4.98 -14.31 8.30
C SER A 6 -3.52 -13.87 8.35
N LEU A 7 -2.61 -14.78 8.01
CA LEU A 7 -1.19 -14.49 8.02
C LEU A 7 -0.74 -13.92 6.67
N VAL A 8 -1.60 -14.07 5.65
CA VAL A 8 -1.31 -13.57 4.32
C VAL A 8 -1.96 -12.21 4.10
N ILE A 9 -3.29 -12.19 4.11
CA ILE A 9 -4.05 -10.96 3.91
C ILE A 9 -3.62 -9.86 4.88
N ALA A 10 -3.05 -10.25 6.01
CA ALA A 10 -2.60 -9.30 7.03
C ALA A 10 -1.38 -8.50 6.56
N PRO A 11 -0.25 -9.18 6.34
CA PRO A 11 1.00 -8.53 5.90
C PRO A 11 0.85 -7.77 4.58
N ILE A 12 0.05 -8.31 3.67
CA ILE A 12 -0.16 -7.68 2.38
C ILE A 12 -0.98 -6.39 2.53
N PHE A 13 -1.78 -6.34 3.58
CA PHE A 13 -2.62 -5.17 3.84
C PHE A 13 -1.76 -3.95 4.15
N VAL A 14 -1.05 -4.01 5.28
CA VAL A 14 -0.18 -2.91 5.69
C VAL A 14 0.76 -2.49 4.57
N GLY A 15 1.07 -3.42 3.67
CA GLY A 15 1.95 -3.12 2.57
C GLY A 15 1.27 -2.33 1.47
N LEU A 16 -0.03 -2.58 1.29
CA LEU A 16 -0.80 -1.88 0.26
C LEU A 16 -1.31 -0.54 0.77
N VAL A 17 -1.54 -0.45 2.07
CA VAL A 17 -2.03 0.78 2.69
C VAL A 17 -0.90 1.79 2.79
N LEU A 18 0.16 1.39 3.47
CA LEU A 18 1.32 2.25 3.66
C LEU A 18 1.75 2.87 2.35
N GLU A 19 1.51 2.15 1.25
CA GLU A 19 1.87 2.63 -0.07
C GLU A 19 0.88 3.68 -0.55
N MET A 20 -0.40 3.44 -0.29
CA MET A 20 -1.46 4.35 -0.68
C MET A 20 -1.17 5.77 -0.22
N ILE A 21 -0.66 5.91 0.99
CA ILE A 21 -0.33 7.21 1.55
C ILE A 21 1.08 7.61 1.15
N SER A 22 1.98 6.62 1.09
CA SER A 22 3.36 6.88 0.72
C SER A 22 3.44 7.57 -0.63
N ARG A 23 2.46 7.31 -1.49
CA ARG A 23 2.42 7.91 -2.80
C ARG A 23 1.99 9.37 -2.70
N VAL A 24 0.99 9.62 -1.87
CA VAL A 24 0.50 10.97 -1.67
C VAL A 24 1.63 11.87 -1.20
N LEU A 25 2.56 11.29 -0.47
CA LEU A 25 3.71 12.02 0.04
C LEU A 25 4.53 12.61 -1.11
N ASP A 26 4.34 12.07 -2.30
CA ASP A 26 5.07 12.54 -3.46
C ASP A 26 4.29 12.28 -4.75
N GLU A 27 2.96 12.38 -4.65
CA GLU A 27 2.10 12.17 -5.81
C GLU A 27 2.21 13.33 -6.79
N GLU A 28 2.39 14.54 -6.27
CA GLU A 28 2.52 15.72 -7.10
C GLU A 28 3.71 15.61 -8.04
N ASP A 29 3.73 16.44 -9.07
CA ASP A 29 4.83 16.44 -10.04
C ASP A 29 4.99 17.80 -10.68
N ASP A 30 6.07 17.97 -11.43
CA ASP A 30 6.35 19.24 -12.11
C ASP A 30 5.70 19.28 -13.48
N SER A 31 5.88 18.22 -14.25
CA SER A 31 5.30 18.13 -15.59
C SER A 31 5.84 19.24 -16.49
N ARG A 32 5.88 18.97 -17.79
CA ARG A 32 6.38 19.95 -18.75
C ARG A 32 5.24 20.46 -19.65
N LYS A 33 4.31 19.57 -19.97
CA LYS A 33 3.18 19.92 -20.82
C LYS A 33 2.05 20.54 -19.99
N MET A 1 -8.68 -22.47 9.62
CA MET A 1 -9.50 -21.23 9.48
C MET A 1 -8.72 -20.14 8.77
N LYS A 2 -7.65 -19.66 9.41
CA LYS A 2 -6.83 -18.60 8.84
C LYS A 2 -5.45 -19.12 8.46
N ASP A 3 -5.29 -20.44 8.42
CA ASP A 3 -4.01 -21.05 8.07
C ASP A 3 -3.17 -20.09 7.26
N LEU A 4 -3.76 -19.55 6.19
CA LEU A 4 -3.09 -18.59 5.34
C LEU A 4 -3.79 -17.24 5.35
N MET A 5 -5.08 -17.24 5.69
CA MET A 5 -5.85 -16.00 5.73
C MET A 5 -5.13 -14.91 6.51
N SER A 6 -4.63 -15.27 7.69
CA SER A 6 -3.92 -14.32 8.53
C SER A 6 -2.59 -13.93 7.89
N LEU A 7 -2.10 -14.76 6.98
CA LEU A 7 -0.84 -14.50 6.29
C LEU A 7 -1.08 -13.69 5.01
N VAL A 8 -2.33 -13.64 4.56
CA VAL A 8 -2.68 -12.91 3.36
C VAL A 8 -3.14 -11.48 3.69
N ILE A 9 -4.22 -11.39 4.46
CA ILE A 9 -4.76 -10.09 4.85
C ILE A 9 -3.75 -9.27 5.66
N ALA A 10 -2.80 -9.96 6.27
CA ALA A 10 -1.78 -9.29 7.09
C ALA A 10 -0.86 -8.43 6.23
N PRO A 11 -0.11 -9.04 5.30
CA PRO A 11 0.82 -8.31 4.43
C PRO A 11 0.11 -7.31 3.52
N ILE A 12 -0.96 -7.76 2.86
CA ILE A 12 -1.72 -6.90 1.97
C ILE A 12 -2.14 -5.61 2.65
N PHE A 13 -2.26 -5.66 3.97
CA PHE A 13 -2.64 -4.49 4.75
C PHE A 13 -1.54 -3.43 4.69
N VAL A 14 -0.41 -3.71 5.34
CA VAL A 14 0.71 -2.79 5.36
C VAL A 14 1.13 -2.40 3.94
N GLY A 15 0.82 -3.26 2.98
CA GLY A 15 1.18 -2.97 1.60
C GLY A 15 0.22 -2.01 0.93
N LEU A 16 -1.04 -2.01 1.37
CA LEU A 16 -2.05 -1.14 0.82
C LEU A 16 -2.04 0.22 1.51
N VAL A 17 -1.64 0.23 2.78
CA VAL A 17 -1.58 1.47 3.55
C VAL A 17 -0.34 2.26 3.20
N LEU A 18 0.82 1.62 3.37
CA LEU A 18 2.10 2.25 3.07
C LEU A 18 2.06 2.94 1.71
N GLU A 19 1.32 2.34 0.78
CA GLU A 19 1.20 2.89 -0.57
C GLU A 19 0.35 4.16 -0.55
N MET A 20 -0.71 4.14 0.26
CA MET A 20 -1.61 5.28 0.38
C MET A 20 -0.84 6.57 0.65
N ILE A 21 0.33 6.45 1.26
CA ILE A 21 1.15 7.61 1.57
C ILE A 21 2.46 7.58 0.79
N SER A 22 3.04 6.39 0.65
CA SER A 22 4.30 6.24 -0.06
C SER A 22 4.26 6.93 -1.42
N ARG A 23 3.11 6.87 -2.07
CA ARG A 23 2.94 7.49 -3.38
C ARG A 23 2.72 8.98 -3.23
N VAL A 24 2.00 9.38 -2.18
CA VAL A 24 1.74 10.79 -1.92
C VAL A 24 3.05 11.57 -1.87
N LEU A 25 4.10 10.87 -1.46
CA LEU A 25 5.43 11.47 -1.38
C LEU A 25 6.01 11.69 -2.77
N ASP A 26 5.23 11.40 -3.80
CA ASP A 26 5.68 11.56 -5.17
C ASP A 26 4.51 11.81 -6.12
N GLU A 27 3.34 12.11 -5.58
CA GLU A 27 2.16 12.37 -6.39
C GLU A 27 1.88 13.87 -6.48
N GLU A 28 2.93 14.68 -6.40
CA GLU A 28 2.80 16.13 -6.47
C GLU A 28 2.79 16.61 -7.92
N ASP A 29 3.61 15.96 -8.75
CA ASP A 29 3.70 16.32 -10.16
C ASP A 29 2.42 15.96 -10.90
N ASP A 30 1.78 16.96 -11.50
CA ASP A 30 0.54 16.75 -12.24
C ASP A 30 0.79 16.78 -13.74
N SER A 31 1.73 17.62 -14.16
CA SER A 31 2.06 17.74 -15.58
C SER A 31 3.25 18.67 -15.78
N ARG A 32 4.20 18.62 -14.86
CA ARG A 32 5.40 19.46 -14.93
C ARG A 32 6.65 18.61 -15.14
N LYS A 33 7.00 18.41 -16.40
CA LYS A 33 8.18 17.62 -16.75
C LYS A 33 9.35 18.52 -17.13
N MET A 1 -9.73 -22.61 8.69
CA MET A 1 -10.29 -22.01 7.45
C MET A 1 -9.39 -20.89 6.93
N LYS A 2 -8.75 -20.18 7.86
CA LYS A 2 -7.86 -19.08 7.49
C LYS A 2 -6.41 -19.40 7.80
N ASP A 3 -6.12 -20.69 8.05
CA ASP A 3 -4.76 -21.12 8.37
C ASP A 3 -3.74 -20.13 7.82
N LEU A 4 -3.90 -19.80 6.55
CA LEU A 4 -2.99 -18.86 5.89
C LEU A 4 -3.74 -17.61 5.41
N MET A 5 -5.06 -17.69 5.33
CA MET A 5 -5.86 -16.56 4.87
C MET A 5 -5.61 -15.32 5.73
N SER A 6 -5.57 -15.52 7.03
CA SER A 6 -5.33 -14.41 7.96
C SER A 6 -3.84 -14.06 8.01
N LEU A 7 -3.02 -14.83 7.29
CA LEU A 7 -1.58 -14.60 7.26
C LEU A 7 -1.17 -13.85 5.99
N VAL A 8 -2.03 -13.87 4.97
CA VAL A 8 -1.72 -13.20 3.72
C VAL A 8 -2.25 -11.76 3.71
N ILE A 9 -3.51 -11.60 4.13
CA ILE A 9 -4.14 -10.28 4.17
C ILE A 9 -3.59 -9.43 5.31
N ALA A 10 -3.16 -10.08 6.38
CA ALA A 10 -2.63 -9.38 7.55
C ALA A 10 -1.41 -8.54 7.18
N PRO A 11 -0.33 -9.18 6.68
CA PRO A 11 0.90 -8.48 6.30
C PRO A 11 0.68 -7.48 5.16
N ILE A 12 0.06 -7.95 4.08
CA ILE A 12 -0.20 -7.09 2.92
C ILE A 12 -0.91 -5.80 3.32
N PHE A 13 -1.61 -5.85 4.45
CA PHE A 13 -2.34 -4.69 4.94
C PHE A 13 -1.38 -3.56 5.28
N VAL A 14 -0.59 -3.74 6.34
CA VAL A 14 0.37 -2.74 6.76
C VAL A 14 1.21 -2.24 5.59
N GLY A 15 1.40 -3.09 4.60
CA GLY A 15 2.17 -2.71 3.43
C GLY A 15 1.36 -1.91 2.42
N LEU A 16 0.12 -2.31 2.21
CA LEU A 16 -0.76 -1.64 1.27
C LEU A 16 -1.11 -0.23 1.77
N VAL A 17 -1.15 -0.08 3.08
CA VAL A 17 -1.47 1.23 3.68
C VAL A 17 -0.26 2.15 3.59
N LEU A 18 0.87 1.66 4.07
CA LEU A 18 2.10 2.42 4.06
C LEU A 18 2.40 2.95 2.66
N GLU A 19 1.96 2.19 1.64
CA GLU A 19 2.17 2.58 0.26
C GLU A 19 1.19 3.67 -0.15
N MET A 20 -0.05 3.55 0.29
CA MET A 20 -1.10 4.50 -0.01
C MET A 20 -0.64 5.93 0.31
N ILE A 21 0.03 6.10 1.45
CA ILE A 21 0.50 7.40 1.86
C ILE A 21 1.88 7.66 1.29
N SER A 22 2.69 6.61 1.19
CA SER A 22 4.04 6.74 0.65
C SER A 22 4.00 7.35 -0.75
N ARG A 23 2.91 7.10 -1.47
CA ARG A 23 2.76 7.63 -2.82
C ARG A 23 2.44 9.12 -2.75
N VAL A 24 1.53 9.50 -1.85
CA VAL A 24 1.16 10.90 -1.68
C VAL A 24 2.39 11.74 -1.44
N LEU A 25 3.37 11.15 -0.77
CA LEU A 25 4.62 11.84 -0.48
C LEU A 25 5.32 12.26 -1.76
N ASP A 26 4.97 11.63 -2.87
CA ASP A 26 5.59 11.95 -4.14
C ASP A 26 4.66 11.64 -5.31
N GLU A 27 3.36 11.84 -5.10
CA GLU A 27 2.37 11.59 -6.14
C GLU A 27 2.32 12.73 -7.14
N GLU A 28 2.28 13.96 -6.63
CA GLU A 28 2.24 15.13 -7.47
C GLU A 28 3.45 15.21 -8.38
N ASP A 29 3.23 15.05 -9.68
CA ASP A 29 4.32 15.09 -10.65
C ASP A 29 4.02 16.10 -11.75
N ASP A 30 5.06 16.51 -12.48
CA ASP A 30 4.90 17.47 -13.56
C ASP A 30 4.73 16.76 -14.90
N SER A 31 4.14 17.46 -15.86
CA SER A 31 3.92 16.89 -17.19
C SER A 31 4.07 17.95 -18.26
N ARG A 32 3.30 19.04 -18.14
CA ARG A 32 3.36 20.13 -19.10
C ARG A 32 3.45 21.48 -18.39
N LYS A 33 4.63 22.09 -18.44
CA LYS A 33 4.84 23.38 -17.79
C LYS A 33 5.65 24.31 -18.69
N MET A 1 -7.11 -19.48 15.88
CA MET A 1 -6.61 -20.12 14.64
C MET A 1 -6.50 -19.13 13.49
N LYS A 2 -5.29 -18.93 13.00
CA LYS A 2 -5.06 -17.99 11.90
C LYS A 2 -4.64 -18.72 10.64
N ASP A 3 -4.82 -20.04 10.61
CA ASP A 3 -4.45 -20.84 9.45
C ASP A 3 -4.41 -20.00 8.19
N LEU A 4 -5.50 -19.26 7.96
CA LEU A 4 -5.58 -18.38 6.80
C LEU A 4 -5.73 -16.90 7.22
N MET A 5 -6.14 -16.67 8.45
CA MET A 5 -6.33 -15.29 8.94
C MET A 5 -5.04 -14.49 8.78
N SER A 6 -3.92 -15.08 9.12
CA SER A 6 -2.62 -14.41 9.00
C SER A 6 -2.14 -14.40 7.55
N LEU A 7 -2.89 -15.08 6.68
CA LEU A 7 -2.53 -15.16 5.27
C LEU A 7 -3.31 -14.14 4.44
N VAL A 8 -4.43 -13.67 4.99
CA VAL A 8 -5.25 -12.69 4.28
C VAL A 8 -4.85 -11.26 4.63
N ILE A 9 -4.69 -11.00 5.93
CA ILE A 9 -4.32 -9.67 6.42
C ILE A 9 -2.85 -9.35 6.11
N ALA A 10 -2.02 -10.40 6.08
CA ALA A 10 -0.59 -10.24 5.81
C ALA A 10 -0.35 -9.57 4.46
N PRO A 11 -0.79 -10.20 3.36
CA PRO A 11 -0.60 -9.66 2.01
C PRO A 11 -1.32 -8.33 1.80
N ILE A 12 -2.60 -8.28 2.14
CA ILE A 12 -3.38 -7.06 1.98
C ILE A 12 -2.70 -5.87 2.65
N PHE A 13 -1.89 -6.15 3.65
CA PHE A 13 -1.18 -5.10 4.37
C PHE A 13 -0.20 -4.38 3.44
N VAL A 14 0.87 -5.08 3.04
CA VAL A 14 1.87 -4.52 2.15
C VAL A 14 1.24 -3.91 0.90
N GLY A 15 0.07 -4.42 0.54
CA GLY A 15 -0.62 -3.92 -0.64
C GLY A 15 -1.29 -2.58 -0.40
N LEU A 16 -1.75 -2.37 0.83
CA LEU A 16 -2.41 -1.11 1.18
C LEU A 16 -1.40 -0.04 1.59
N VAL A 17 -0.27 -0.49 2.15
CA VAL A 17 0.77 0.43 2.57
C VAL A 17 1.54 0.96 1.37
N LEU A 18 2.07 0.03 0.59
CA LEU A 18 2.84 0.38 -0.60
C LEU A 18 2.11 1.44 -1.43
N GLU A 19 0.79 1.37 -1.41
CA GLU A 19 -0.04 2.33 -2.14
C GLU A 19 0.00 3.70 -1.47
N MET A 20 -0.03 3.69 -0.14
CA MET A 20 0.00 4.92 0.63
C MET A 20 1.16 5.82 0.23
N ILE A 21 2.21 5.21 -0.31
CA ILE A 21 3.39 5.96 -0.74
C ILE A 21 3.56 5.87 -2.25
N SER A 22 3.27 4.72 -2.82
CA SER A 22 3.42 4.51 -4.26
C SER A 22 2.65 5.58 -5.04
N ARG A 23 1.59 6.09 -4.45
CA ARG A 23 0.78 7.12 -5.09
C ARG A 23 1.35 8.51 -4.78
N VAL A 24 1.94 8.64 -3.59
CA VAL A 24 2.54 9.91 -3.18
C VAL A 24 3.55 10.37 -4.21
N LEU A 25 4.21 9.40 -4.84
CA LEU A 25 5.18 9.69 -5.88
C LEU A 25 4.52 10.28 -7.11
N ASP A 26 3.19 10.38 -7.08
CA ASP A 26 2.45 10.91 -8.20
C ASP A 26 1.11 11.52 -7.75
N GLU A 27 1.04 11.89 -6.47
CA GLU A 27 -0.17 12.49 -5.92
C GLU A 27 -0.43 13.86 -6.54
N GLU A 28 -1.22 13.87 -7.60
CA GLU A 28 -1.55 15.11 -8.29
C GLU A 28 -0.31 15.75 -8.88
N ASP A 29 -0.45 16.33 -10.08
CA ASP A 29 0.67 16.97 -10.76
C ASP A 29 1.22 18.12 -9.92
N ASP A 30 2.53 18.35 -10.02
CA ASP A 30 3.18 19.42 -9.28
C ASP A 30 4.60 19.63 -9.78
N SER A 31 4.74 20.35 -10.90
CA SER A 31 6.04 20.63 -11.47
C SER A 31 6.67 21.87 -10.83
N ARG A 32 7.81 21.68 -10.18
CA ARG A 32 8.51 22.77 -9.52
C ARG A 32 9.83 23.07 -10.22
N LYS A 33 10.49 22.02 -10.71
CA LYS A 33 11.75 22.17 -11.41
C LYS A 33 11.56 22.84 -12.77
N MET A 1 -8.82 -22.22 9.10
CA MET A 1 -7.47 -21.76 9.55
C MET A 1 -6.97 -20.60 8.70
N LYS A 2 -5.99 -19.86 9.22
CA LYS A 2 -5.43 -18.73 8.51
C LYS A 2 -4.00 -18.99 8.08
N ASP A 3 -3.59 -20.25 8.12
CA ASP A 3 -2.23 -20.64 7.74
C ASP A 3 -1.63 -19.60 6.78
N LEU A 4 -2.38 -19.29 5.73
CA LEU A 4 -1.95 -18.29 4.75
C LEU A 4 -2.89 -17.11 4.69
N MET A 5 -4.12 -17.27 5.18
CA MET A 5 -5.09 -16.19 5.16
C MET A 5 -4.54 -14.94 5.82
N SER A 6 -3.96 -15.11 7.01
CA SER A 6 -3.38 -13.99 7.74
C SER A 6 -2.08 -13.52 7.08
N LEU A 7 -1.55 -14.34 6.18
CA LEU A 7 -0.32 -14.02 5.48
C LEU A 7 -0.59 -13.22 4.21
N VAL A 8 -1.83 -13.26 3.72
CA VAL A 8 -2.16 -12.52 2.51
C VAL A 8 -2.81 -11.18 2.86
N ILE A 9 -3.81 -11.20 3.74
CA ILE A 9 -4.52 -10.00 4.15
C ILE A 9 -3.58 -9.01 4.85
N ALA A 10 -2.55 -9.54 5.50
CA ALA A 10 -1.59 -8.71 6.22
C ALA A 10 -0.77 -7.84 5.29
N PRO A 11 -0.01 -8.45 4.36
CA PRO A 11 0.83 -7.71 3.41
C PRO A 11 0.04 -6.85 2.43
N ILE A 12 -1.19 -7.25 2.13
CA ILE A 12 -2.02 -6.50 1.20
C ILE A 12 -2.63 -5.27 1.87
N PHE A 13 -2.88 -5.39 3.17
CA PHE A 13 -3.44 -4.29 3.93
C PHE A 13 -2.38 -3.21 4.14
N VAL A 14 -1.35 -3.54 4.89
CA VAL A 14 -0.26 -2.62 5.16
C VAL A 14 0.37 -2.12 3.86
N GLY A 15 0.20 -2.89 2.79
CA GLY A 15 0.76 -2.50 1.50
C GLY A 15 -0.11 -1.51 0.76
N LEU A 16 -1.41 -1.54 1.04
CA LEU A 16 -2.35 -0.63 0.38
C LEU A 16 -2.49 0.67 1.16
N VAL A 17 -2.31 0.59 2.48
CA VAL A 17 -2.41 1.77 3.33
C VAL A 17 -1.14 2.60 3.23
N LEU A 18 -0.02 1.97 3.56
CA LEU A 18 1.27 2.64 3.51
C LEU A 18 1.47 3.33 2.16
N GLU A 19 0.84 2.78 1.13
CA GLU A 19 0.93 3.33 -0.22
C GLU A 19 0.06 4.57 -0.34
N MET A 20 -1.14 4.51 0.25
CA MET A 20 -2.07 5.61 0.22
C MET A 20 -1.43 6.92 0.66
N ILE A 21 -0.60 6.84 1.71
CA ILE A 21 0.09 8.00 2.23
C ILE A 21 1.37 8.28 1.46
N SER A 22 1.99 7.22 0.97
CA SER A 22 3.23 7.34 0.21
C SER A 22 3.02 8.23 -1.02
N ARG A 23 1.80 8.21 -1.55
CA ARG A 23 1.48 9.02 -2.71
C ARG A 23 1.34 10.49 -2.32
N VAL A 24 0.69 10.73 -1.19
CA VAL A 24 0.51 12.09 -0.69
C VAL A 24 1.87 12.76 -0.51
N LEU A 25 2.87 11.96 -0.19
CA LEU A 25 4.22 12.46 0.00
C LEU A 25 4.75 13.09 -1.27
N ASP A 26 4.14 12.76 -2.40
CA ASP A 26 4.58 13.30 -3.67
C ASP A 26 3.43 13.35 -4.69
N GLU A 27 2.23 13.58 -4.19
CA GLU A 27 1.04 13.65 -5.05
C GLU A 27 1.14 14.81 -6.03
N GLU A 28 1.81 15.88 -5.59
CA GLU A 28 1.98 17.06 -6.44
C GLU A 28 3.38 17.11 -7.04
N ASP A 29 3.45 17.25 -8.36
CA ASP A 29 4.73 17.31 -9.06
C ASP A 29 4.53 17.66 -10.53
N ASP A 30 5.62 17.96 -11.22
CA ASP A 30 5.56 18.32 -12.63
C ASP A 30 6.03 17.17 -13.51
N SER A 31 5.38 16.98 -14.65
CA SER A 31 5.73 15.92 -15.57
C SER A 31 5.58 14.55 -14.91
N ARG A 32 4.54 13.81 -15.29
CA ARG A 32 4.29 12.49 -14.73
C ARG A 32 4.87 11.41 -15.63
N LYS A 33 4.70 10.15 -15.21
CA LYS A 33 5.20 9.02 -15.97
C LYS A 33 6.72 9.09 -16.11
N MET A 1 -5.94 -21.42 13.04
CA MET A 1 -4.85 -21.46 12.03
C MET A 1 -4.87 -20.21 11.16
N LYS A 2 -3.72 -19.90 10.55
CA LYS A 2 -3.61 -18.74 9.69
C LYS A 2 -3.49 -19.12 8.23
N ASP A 3 -3.81 -20.37 7.92
CA ASP A 3 -3.72 -20.87 6.55
C ASP A 3 -3.84 -19.72 5.56
N LEU A 4 -4.89 -18.91 5.74
CA LEU A 4 -5.12 -17.76 4.88
C LEU A 4 -5.07 -16.46 5.67
N MET A 5 -5.21 -16.54 6.98
CA MET A 5 -5.18 -15.36 7.83
C MET A 5 -3.92 -14.54 7.60
N SER A 6 -2.77 -15.21 7.58
CA SER A 6 -1.50 -14.53 7.36
C SER A 6 -1.34 -14.15 5.88
N LEU A 7 -2.25 -14.64 5.04
CA LEU A 7 -2.20 -14.35 3.61
C LEU A 7 -3.08 -13.15 3.26
N VAL A 8 -4.01 -12.80 4.15
CA VAL A 8 -4.89 -11.66 3.90
C VAL A 8 -4.37 -10.39 4.57
N ILE A 9 -3.93 -10.53 5.83
CA ILE A 9 -3.42 -9.42 6.61
C ILE A 9 -2.05 -8.95 6.10
N ALA A 10 -1.36 -9.81 5.37
CA ALA A 10 -0.05 -9.49 4.85
C ALA A 10 -0.11 -8.55 3.64
N PRO A 11 -0.75 -8.98 2.54
CA PRO A 11 -0.87 -8.17 1.32
C PRO A 11 -1.70 -6.90 1.52
N ILE A 12 -2.54 -6.89 2.54
CA ILE A 12 -3.38 -5.73 2.82
C ILE A 12 -2.57 -4.61 3.46
N PHE A 13 -1.53 -5.00 4.20
CA PHE A 13 -0.67 -4.03 4.85
C PHE A 13 0.09 -3.20 3.83
N VAL A 14 1.01 -3.85 3.12
CA VAL A 14 1.80 -3.18 2.10
C VAL A 14 0.91 -2.45 1.10
N GLY A 15 -0.32 -2.92 0.95
CA GLY A 15 -1.25 -2.30 0.02
C GLY A 15 -1.82 -1.00 0.54
N LEU A 16 -1.98 -0.91 1.86
CA LEU A 16 -2.53 0.28 2.49
C LEU A 16 -1.43 1.30 2.76
N VAL A 17 -0.21 0.82 3.00
CA VAL A 17 0.92 1.69 3.26
C VAL A 17 1.41 2.34 1.98
N LEU A 18 1.76 1.49 1.02
CA LEU A 18 2.25 1.96 -0.26
C LEU A 18 1.35 3.06 -0.82
N GLU A 19 0.06 2.93 -0.56
CA GLU A 19 -0.92 3.91 -1.03
C GLU A 19 -0.73 5.24 -0.31
N MET A 20 -0.41 5.17 0.98
CA MET A 20 -0.20 6.35 1.79
C MET A 20 0.83 7.29 1.15
N ILE A 21 1.93 6.73 0.68
CA ILE A 21 2.96 7.52 0.05
C ILE A 21 2.71 7.63 -1.45
N SER A 22 2.18 6.57 -2.05
CA SER A 22 1.90 6.57 -3.47
C SER A 22 0.96 7.71 -3.84
N ARG A 23 0.15 8.14 -2.87
CA ARG A 23 -0.77 9.25 -3.10
C ARG A 23 -0.01 10.57 -3.11
N VAL A 24 0.89 10.73 -2.15
CA VAL A 24 1.70 11.94 -2.07
C VAL A 24 2.43 12.17 -3.38
N LEU A 25 2.79 11.07 -4.03
CA LEU A 25 3.48 11.12 -5.30
C LEU A 25 2.66 11.85 -6.35
N ASP A 26 1.36 11.96 -6.10
CA ASP A 26 0.48 12.62 -7.04
C ASP A 26 -0.75 13.19 -6.35
N GLU A 27 -0.56 13.65 -5.11
CA GLU A 27 -1.64 14.23 -4.33
C GLU A 27 -2.23 15.45 -5.03
N GLU A 28 -1.39 16.16 -5.79
CA GLU A 28 -1.82 17.34 -6.51
C GLU A 28 -0.86 17.67 -7.65
N ASP A 29 0.43 17.63 -7.35
CA ASP A 29 1.46 17.92 -8.35
C ASP A 29 2.02 16.63 -8.93
N ASP A 30 3.05 16.77 -9.77
CA ASP A 30 3.68 15.62 -10.41
C ASP A 30 5.19 15.80 -10.48
N SER A 31 5.91 14.69 -10.35
CA SER A 31 7.37 14.72 -10.39
C SER A 31 7.88 14.09 -11.69
N ARG A 32 9.20 14.13 -11.87
CA ARG A 32 9.82 13.56 -13.06
C ARG A 32 10.46 12.21 -12.75
N LYS A 33 11.01 12.09 -11.55
CA LYS A 33 11.66 10.85 -11.12
C LYS A 33 10.66 9.94 -10.41
N MET A 1 -10.27 -21.64 8.66
CA MET A 1 -9.59 -22.03 7.40
C MET A 1 -8.71 -20.89 6.89
N LYS A 2 -8.16 -20.11 7.81
CA LYS A 2 -7.29 -19.00 7.44
C LYS A 2 -5.85 -19.24 7.85
N ASP A 3 -5.52 -20.50 8.19
CA ASP A 3 -4.17 -20.86 8.60
C ASP A 3 -3.16 -19.86 8.05
N LEU A 4 -3.24 -19.63 6.74
CA LEU A 4 -2.36 -18.67 6.08
C LEU A 4 -3.15 -17.53 5.46
N MET A 5 -4.45 -17.72 5.26
CA MET A 5 -5.29 -16.69 4.67
C MET A 5 -5.19 -15.39 5.45
N SER A 6 -5.13 -15.50 6.78
CA SER A 6 -5.02 -14.32 7.63
C SER A 6 -3.57 -13.88 7.78
N LEU A 7 -2.67 -14.53 7.05
CA LEU A 7 -1.26 -14.21 7.10
C LEU A 7 -0.77 -13.62 5.77
N VAL A 8 -1.56 -13.80 4.71
CA VAL A 8 -1.19 -13.27 3.40
C VAL A 8 -1.79 -11.88 3.17
N ILE A 9 -3.08 -11.74 3.49
CA ILE A 9 -3.78 -10.48 3.33
C ILE A 9 -3.45 -9.49 4.44
N ALA A 10 -3.08 -10.00 5.61
CA ALA A 10 -2.75 -9.14 6.74
C ALA A 10 -1.53 -8.28 6.43
N PRO A 11 -0.35 -8.90 6.19
CA PRO A 11 0.87 -8.16 5.89
C PRO A 11 0.72 -7.24 4.69
N ILE A 12 0.24 -7.81 3.58
CA ILE A 12 0.03 -7.04 2.36
C ILE A 12 -0.83 -5.82 2.60
N PHE A 13 -1.65 -5.87 3.64
CA PHE A 13 -2.53 -4.76 3.99
C PHE A 13 -1.72 -3.53 4.37
N VAL A 14 -1.07 -3.58 5.52
CA VAL A 14 -0.26 -2.47 6.00
C VAL A 14 0.73 -2.00 4.94
N GLY A 15 1.11 -2.91 4.05
CA GLY A 15 2.05 -2.57 3.00
C GLY A 15 1.40 -1.80 1.87
N LEU A 16 0.12 -2.08 1.61
CA LEU A 16 -0.62 -1.40 0.56
C LEU A 16 -1.17 -0.07 1.04
N VAL A 17 -1.47 0.00 2.34
CA VAL A 17 -2.00 1.23 2.91
C VAL A 17 -0.89 2.26 3.09
N LEU A 18 0.13 1.87 3.83
CA LEU A 18 1.27 2.75 4.10
C LEU A 18 1.76 3.40 2.80
N GLU A 19 1.58 2.70 1.69
CA GLU A 19 2.00 3.21 0.39
C GLU A 19 1.00 4.25 -0.12
N MET A 20 -0.28 3.98 0.09
CA MET A 20 -1.34 4.89 -0.34
C MET A 20 -1.08 6.31 0.15
N ILE A 21 -0.64 6.43 1.40
CA ILE A 21 -0.36 7.73 1.99
C ILE A 21 1.08 8.15 1.68
N SER A 22 1.98 7.18 1.65
CA SER A 22 3.38 7.46 1.37
C SER A 22 3.53 8.18 0.03
N ARG A 23 2.60 7.92 -0.88
CA ARG A 23 2.62 8.56 -2.19
C ARG A 23 2.17 10.00 -2.08
N VAL A 24 1.11 10.23 -1.31
CA VAL A 24 0.59 11.58 -1.10
C VAL A 24 1.69 12.49 -0.56
N LEU A 25 2.58 11.89 0.22
CA LEU A 25 3.70 12.62 0.79
C LEU A 25 4.58 13.22 -0.29
N ASP A 26 4.47 12.71 -1.51
CA ASP A 26 5.28 13.19 -2.60
C ASP A 26 4.60 12.96 -3.95
N GLU A 27 3.27 13.04 -3.95
CA GLU A 27 2.50 12.84 -5.17
C GLU A 27 2.32 14.16 -5.92
N GLU A 28 3.44 14.81 -6.22
CA GLU A 28 3.42 16.08 -6.93
C GLU A 28 4.04 15.94 -8.31
N ASP A 29 3.83 14.78 -8.94
CA ASP A 29 4.38 14.53 -10.27
C ASP A 29 3.59 15.28 -11.34
N ASP A 30 3.99 16.53 -11.58
CA ASP A 30 3.32 17.36 -12.58
C ASP A 30 4.09 17.35 -13.90
N SER A 31 4.69 16.20 -14.23
CA SER A 31 5.46 16.07 -15.45
C SER A 31 4.55 15.72 -16.63
N ARG A 32 4.15 16.74 -17.38
CA ARG A 32 3.28 16.54 -18.53
C ARG A 32 3.84 17.23 -19.77
N LYS A 33 5.18 17.27 -19.86
CA LYS A 33 5.85 17.90 -20.98
C LYS A 33 5.47 19.37 -21.10
N MET A 1 -10.81 -20.83 10.90
CA MET A 1 -11.40 -20.17 9.70
C MET A 1 -10.37 -19.30 8.99
N LYS A 2 -9.46 -18.73 9.78
CA LYS A 2 -8.41 -17.87 9.22
C LYS A 2 -7.04 -18.51 9.35
N ASP A 3 -7.00 -19.81 9.63
CA ASP A 3 -5.74 -20.53 9.78
C ASP A 3 -4.64 -19.82 9.02
N LEU A 4 -4.91 -19.52 7.75
CA LEU A 4 -3.95 -18.81 6.90
C LEU A 4 -4.51 -17.46 6.45
N MET A 5 -5.83 -17.34 6.43
CA MET A 5 -6.48 -16.09 6.00
C MET A 5 -5.87 -14.88 6.70
N SER A 6 -5.65 -14.99 8.00
CA SER A 6 -5.08 -13.90 8.78
C SER A 6 -3.61 -13.68 8.43
N LEU A 7 -3.00 -14.70 7.80
CA LEU A 7 -1.59 -14.61 7.41
C LEU A 7 -1.45 -14.24 5.94
N VAL A 8 -2.55 -14.35 5.19
CA VAL A 8 -2.53 -14.01 3.77
C VAL A 8 -3.11 -12.62 3.52
N ILE A 9 -3.33 -11.87 4.60
CA ILE A 9 -3.89 -10.53 4.50
C ILE A 9 -2.99 -9.51 5.21
N ALA A 10 -2.71 -9.78 6.48
CA ALA A 10 -1.87 -8.89 7.28
C ALA A 10 -0.63 -8.43 6.52
N PRO A 11 0.16 -9.38 5.96
CA PRO A 11 1.38 -9.06 5.22
C PRO A 11 1.10 -8.22 3.98
N ILE A 12 0.06 -8.58 3.23
CA ILE A 12 -0.29 -7.86 2.01
C ILE A 12 -0.98 -6.54 2.31
N PHE A 13 -1.65 -6.46 3.44
CA PHE A 13 -2.34 -5.24 3.84
C PHE A 13 -1.33 -4.16 4.18
N VAL A 14 -0.59 -4.37 5.27
CA VAL A 14 0.42 -3.41 5.70
C VAL A 14 1.40 -3.07 4.57
N GLY A 15 1.52 -3.98 3.60
CA GLY A 15 2.43 -3.75 2.49
C GLY A 15 1.80 -2.93 1.39
N LEU A 16 0.49 -3.08 1.18
CA LEU A 16 -0.22 -2.35 0.15
C LEU A 16 -0.51 -0.92 0.61
N VAL A 17 -0.74 -0.74 1.90
CA VAL A 17 -1.02 0.58 2.46
C VAL A 17 0.23 1.43 2.45
N LEU A 18 1.30 0.87 2.97
CA LEU A 18 2.58 1.55 3.04
C LEU A 18 2.98 2.10 1.67
N GLU A 19 2.55 1.41 0.63
CA GLU A 19 2.85 1.81 -0.74
C GLU A 19 1.93 2.95 -1.18
N MET A 20 0.65 2.83 -0.84
CA MET A 20 -0.34 3.83 -1.20
C MET A 20 0.11 5.23 -0.79
N ILE A 21 0.71 5.34 0.38
CA ILE A 21 1.20 6.62 0.87
C ILE A 21 2.61 6.87 0.37
N SER A 22 3.41 5.81 0.29
CA SER A 22 4.78 5.93 -0.17
C SER A 22 4.84 6.57 -1.54
N ARG A 23 3.79 6.36 -2.33
CA ARG A 23 3.72 6.94 -3.67
C ARG A 23 3.43 8.43 -3.58
N VAL A 24 2.49 8.80 -2.71
CA VAL A 24 2.13 10.20 -2.52
C VAL A 24 3.36 11.01 -2.18
N LEU A 25 4.29 10.38 -1.48
CA LEU A 25 5.53 11.03 -1.09
C LEU A 25 6.31 11.48 -2.31
N ASP A 26 6.01 10.91 -3.46
CA ASP A 26 6.71 11.25 -4.68
C ASP A 26 5.83 11.00 -5.91
N GLU A 27 4.54 11.22 -5.76
CA GLU A 27 3.59 11.02 -6.85
C GLU A 27 3.83 12.04 -7.97
N GLU A 28 2.96 12.03 -8.97
CA GLU A 28 3.06 12.95 -10.09
C GLU A 28 2.00 14.05 -10.00
N ASP A 29 2.37 15.25 -10.41
CA ASP A 29 1.44 16.38 -10.37
C ASP A 29 1.40 17.08 -11.73
N ASP A 30 0.40 17.96 -11.90
CA ASP A 30 0.24 18.69 -13.15
C ASP A 30 1.33 19.75 -13.29
N SER A 31 2.51 19.33 -13.75
CA SER A 31 3.63 20.25 -13.93
C SER A 31 3.32 21.27 -15.02
N ARG A 32 2.91 22.46 -14.61
CA ARG A 32 2.57 23.52 -15.55
C ARG A 32 3.82 24.33 -15.92
N LYS A 33 4.75 24.43 -14.98
CA LYS A 33 5.99 25.16 -15.21
C LYS A 33 7.02 24.28 -15.90
N MET A 1 -7.10 -23.68 12.09
CA MET A 1 -5.99 -22.75 12.40
C MET A 1 -6.01 -21.53 11.48
N LYS A 2 -5.01 -20.67 11.62
CA LYS A 2 -4.92 -19.46 10.81
C LYS A 2 -3.74 -19.53 9.84
N ASP A 3 -3.18 -20.72 9.66
CA ASP A 3 -2.04 -20.90 8.76
C ASP A 3 -2.03 -19.81 7.70
N LEU A 4 -3.16 -19.62 7.04
CA LEU A 4 -3.29 -18.59 6.02
C LEU A 4 -4.34 -17.56 6.40
N MET A 5 -5.25 -17.92 7.32
CA MET A 5 -6.30 -17.01 7.76
C MET A 5 -5.72 -15.67 8.22
N SER A 6 -4.66 -15.74 9.01
CA SER A 6 -4.01 -14.54 9.52
C SER A 6 -3.19 -13.87 8.43
N LEU A 7 -2.92 -14.60 7.35
CA LEU A 7 -2.14 -14.09 6.23
C LEU A 7 -3.04 -13.58 5.11
N VAL A 8 -4.35 -13.78 5.25
CA VAL A 8 -5.30 -13.33 4.23
C VAL A 8 -5.62 -11.84 4.38
N ILE A 9 -5.49 -11.32 5.59
CA ILE A 9 -5.77 -9.91 5.86
C ILE A 9 -4.56 -9.17 6.41
N ALA A 10 -3.48 -9.90 6.69
CA ALA A 10 -2.27 -9.29 7.23
C ALA A 10 -1.43 -8.61 6.15
N PRO A 11 -0.92 -9.39 5.18
CA PRO A 11 -0.09 -8.86 4.09
C PRO A 11 -0.86 -7.92 3.15
N ILE A 12 -2.10 -8.30 2.84
CA ILE A 12 -2.93 -7.49 1.96
C ILE A 12 -3.15 -6.10 2.53
N PHE A 13 -3.11 -6.00 3.85
CA PHE A 13 -3.31 -4.73 4.53
C PHE A 13 -2.14 -3.81 4.26
N VAL A 14 -0.99 -4.14 4.83
CA VAL A 14 0.22 -3.34 4.64
C VAL A 14 0.56 -3.19 3.16
N GLY A 15 0.06 -4.10 2.33
CA GLY A 15 0.31 -4.03 0.91
C GLY A 15 -0.51 -2.98 0.21
N LEU A 16 -1.69 -2.69 0.76
CA LEU A 16 -2.58 -1.69 0.18
C LEU A 16 -2.34 -0.32 0.81
N VAL A 17 -1.91 -0.31 2.06
CA VAL A 17 -1.64 0.94 2.76
C VAL A 17 -0.34 1.54 2.27
N LEU A 18 0.72 0.75 2.33
CA LEU A 18 2.04 1.19 1.90
C LEU A 18 1.95 1.87 0.53
N GLU A 19 0.99 1.44 -0.28
CA GLU A 19 0.79 2.00 -1.60
C GLU A 19 0.08 3.35 -1.51
N MET A 20 -0.99 3.40 -0.74
CA MET A 20 -1.76 4.62 -0.55
C MET A 20 -0.86 5.83 -0.30
N ILE A 21 0.14 5.64 0.54
CA ILE A 21 1.07 6.71 0.86
C ILE A 21 2.13 6.83 -0.23
N SER A 22 2.49 5.71 -0.83
CA SER A 22 3.49 5.70 -1.89
C SER A 22 3.09 6.64 -3.03
N ARG A 23 1.77 6.82 -3.21
CA ARG A 23 1.28 7.70 -4.25
C ARG A 23 1.49 9.15 -3.86
N VAL A 24 1.16 9.48 -2.61
CA VAL A 24 1.33 10.82 -2.10
C VAL A 24 2.77 11.28 -2.29
N LEU A 25 3.68 10.31 -2.22
CA LEU A 25 5.09 10.59 -2.40
C LEU A 25 5.37 11.14 -3.78
N ASP A 26 4.43 10.97 -4.70
CA ASP A 26 4.59 11.44 -6.06
C ASP A 26 3.24 11.72 -6.71
N GLU A 27 2.27 12.14 -5.91
CA GLU A 27 0.94 12.45 -6.41
C GLU A 27 0.96 13.69 -7.30
N GLU A 28 1.55 13.56 -8.48
CA GLU A 28 1.64 14.66 -9.43
C GLU A 28 2.40 15.83 -8.82
N ASP A 29 3.73 15.78 -8.89
CA ASP A 29 4.57 16.83 -8.35
C ASP A 29 4.64 18.02 -9.31
N ASP A 30 5.47 19.01 -8.97
CA ASP A 30 5.63 20.19 -9.81
C ASP A 30 6.73 19.97 -10.84
N SER A 31 6.34 19.98 -12.12
CA SER A 31 7.28 19.79 -13.21
C SER A 31 6.60 19.94 -14.56
N ARG A 32 6.39 21.19 -14.98
CA ARG A 32 5.75 21.46 -16.25
C ARG A 32 6.77 21.89 -17.31
N LYS A 33 7.80 22.60 -16.87
CA LYS A 33 8.84 23.07 -17.78
C LYS A 33 8.27 23.97 -18.86
N MET A 1 -9.95 -19.54 12.01
CA MET A 1 -10.04 -19.93 10.58
C MET A 1 -9.19 -19.02 9.71
N LYS A 2 -8.03 -18.62 10.23
CA LYS A 2 -7.11 -17.74 9.50
C LYS A 2 -5.84 -18.47 9.10
N ASP A 3 -5.86 -19.80 9.19
CA ASP A 3 -4.68 -20.60 8.84
C ASP A 3 -3.78 -19.84 7.87
N LEU A 4 -4.38 -19.33 6.80
CA LEU A 4 -3.64 -18.55 5.81
C LEU A 4 -4.15 -17.12 5.73
N MET A 5 -5.39 -16.88 6.15
CA MET A 5 -5.97 -15.54 6.11
C MET A 5 -5.03 -14.51 6.74
N SER A 6 -4.51 -14.85 7.92
CA SER A 6 -3.60 -13.95 8.62
C SER A 6 -2.27 -13.81 7.87
N LEU A 7 -1.99 -14.77 6.99
CA LEU A 7 -0.76 -14.76 6.21
C LEU A 7 -0.98 -14.04 4.88
N VAL A 8 -2.24 -13.84 4.51
CA VAL A 8 -2.58 -13.17 3.26
C VAL A 8 -2.83 -11.68 3.49
N ILE A 9 -3.82 -11.38 4.33
CA ILE A 9 -4.17 -10.00 4.65
C ILE A 9 -3.01 -9.26 5.31
N ALA A 10 -2.11 -10.02 5.93
CA ALA A 10 -0.96 -9.42 6.60
C ALA A 10 0.01 -8.77 5.62
N PRO A 11 0.59 -9.54 4.70
CA PRO A 11 1.55 -9.01 3.70
C PRO A 11 0.91 -7.99 2.78
N ILE A 12 -0.27 -8.33 2.25
CA ILE A 12 -0.99 -7.44 1.34
C ILE A 12 -1.21 -6.07 1.97
N PHE A 13 -1.20 -6.03 3.31
CA PHE A 13 -1.41 -4.78 4.02
C PHE A 13 -0.28 -3.79 3.75
N VAL A 14 0.93 -4.15 4.20
CA VAL A 14 2.10 -3.30 4.00
C VAL A 14 2.22 -2.86 2.55
N GLY A 15 1.71 -3.67 1.63
CA GLY A 15 1.77 -3.35 0.22
C GLY A 15 0.75 -2.28 -0.17
N LEU A 16 -0.41 -2.30 0.47
CA LEU A 16 -1.45 -1.34 0.19
C LEU A 16 -1.22 -0.02 0.93
N VAL A 17 -0.59 -0.12 2.09
CA VAL A 17 -0.30 1.07 2.89
C VAL A 17 0.84 1.86 2.28
N LEU A 18 1.97 1.18 2.11
CA LEU A 18 3.15 1.80 1.54
C LEU A 18 2.81 2.58 0.28
N GLU A 19 1.77 2.11 -0.42
CA GLU A 19 1.33 2.76 -1.65
C GLU A 19 0.44 3.96 -1.33
N MET A 20 -0.49 3.77 -0.41
CA MET A 20 -1.41 4.82 0.00
C MET A 20 -0.67 6.11 0.33
N ILE A 21 0.49 5.97 0.98
CA ILE A 21 1.28 7.12 1.36
C ILE A 21 2.21 7.52 0.23
N SER A 22 2.71 6.53 -0.50
CA SER A 22 3.61 6.79 -1.62
C SER A 22 2.96 7.73 -2.62
N ARG A 23 1.63 7.69 -2.71
CA ARG A 23 0.89 8.55 -3.62
C ARG A 23 0.85 9.98 -3.07
N VAL A 24 0.62 10.10 -1.78
CA VAL A 24 0.57 11.40 -1.12
C VAL A 24 1.87 12.16 -1.37
N LEU A 25 2.95 11.41 -1.45
CA LEU A 25 4.27 11.98 -1.70
C LEU A 25 4.30 12.75 -3.01
N ASP A 26 3.34 12.46 -3.89
CA ASP A 26 3.28 13.12 -5.17
C ASP A 26 1.85 13.16 -5.72
N GLU A 27 0.88 13.27 -4.81
CA GLU A 27 -0.52 13.32 -5.20
C GLU A 27 -0.81 14.54 -6.06
N GLU A 28 -0.11 15.62 -5.79
CA GLU A 28 -0.29 16.86 -6.54
C GLU A 28 0.03 16.64 -8.03
N ASP A 29 0.94 15.72 -8.31
CA ASP A 29 1.32 15.43 -9.67
C ASP A 29 1.93 16.65 -10.36
N ASP A 30 2.69 17.42 -9.59
CA ASP A 30 3.33 18.63 -10.11
C ASP A 30 4.78 18.36 -10.48
N SER A 31 5.06 17.13 -10.90
CA SER A 31 6.42 16.74 -11.28
C SER A 31 6.47 16.33 -12.75
N ARG A 32 5.83 17.12 -13.60
CA ARG A 32 5.81 16.84 -15.04
C ARG A 32 7.21 16.81 -15.61
N LYS A 33 7.66 15.63 -16.04
CA LYS A 33 8.98 15.47 -16.61
C LYS A 33 8.98 15.80 -18.10
N MET A 1 -9.83 -21.82 3.17
CA MET A 1 -8.81 -22.01 4.23
C MET A 1 -7.85 -20.83 4.28
N LYS A 2 -7.90 -20.07 5.37
CA LYS A 2 -7.03 -18.91 5.54
C LYS A 2 -6.02 -19.13 6.65
N ASP A 3 -5.87 -20.38 7.10
CA ASP A 3 -4.93 -20.72 8.17
C ASP A 3 -3.83 -19.67 8.25
N LEU A 4 -3.20 -19.39 7.11
CA LEU A 4 -2.15 -18.39 7.04
C LEU A 4 -2.54 -17.24 6.10
N MET A 5 -3.48 -17.50 5.20
CA MET A 5 -3.93 -16.47 4.25
C MET A 5 -4.27 -15.17 4.98
N SER A 6 -5.04 -15.28 6.05
CA SER A 6 -5.44 -14.11 6.83
C SER A 6 -4.23 -13.50 7.52
N LEU A 7 -3.18 -14.29 7.70
CA LEU A 7 -1.96 -13.83 8.34
C LEU A 7 -1.00 -13.24 7.31
N VAL A 8 -1.26 -13.51 6.03
CA VAL A 8 -0.43 -12.99 4.95
C VAL A 8 -1.03 -11.72 4.37
N ILE A 9 -2.22 -11.85 3.78
CA ILE A 9 -2.92 -10.73 3.17
C ILE A 9 -3.10 -9.57 4.16
N ALA A 10 -3.07 -9.89 5.45
CA ALA A 10 -3.25 -8.88 6.49
C ALA A 10 -2.04 -7.95 6.58
N PRO A 11 -0.86 -8.49 6.94
CA PRO A 11 0.37 -7.69 7.08
C PRO A 11 0.75 -6.96 5.80
N ILE A 12 0.52 -7.60 4.66
CA ILE A 12 0.86 -7.01 3.37
C ILE A 12 -0.06 -5.84 3.05
N PHE A 13 -1.25 -5.87 3.62
CA PHE A 13 -2.24 -4.81 3.40
C PHE A 13 -1.74 -3.50 3.99
N VAL A 14 -1.58 -3.46 5.30
CA VAL A 14 -1.12 -2.26 6.00
C VAL A 14 0.13 -1.68 5.32
N GLY A 15 0.90 -2.53 4.67
CA GLY A 15 2.11 -2.08 4.00
C GLY A 15 1.82 -1.43 2.67
N LEU A 16 0.81 -1.94 1.96
CA LEU A 16 0.44 -1.39 0.66
C LEU A 16 -0.40 -0.13 0.81
N VAL A 17 -1.17 -0.06 1.88
CA VAL A 17 -2.02 1.10 2.15
C VAL A 17 -1.16 2.29 2.54
N LEU A 18 -0.26 2.05 3.49
CA LEU A 18 0.62 3.09 3.97
C LEU A 18 1.31 3.81 2.83
N GLU A 19 1.58 3.07 1.75
CA GLU A 19 2.23 3.62 0.57
C GLU A 19 1.25 4.47 -0.23
N MET A 20 0.02 3.99 -0.36
CA MET A 20 -1.03 4.69 -1.09
C MET A 20 -1.16 6.14 -0.64
N ILE A 21 -0.76 6.41 0.60
CA ILE A 21 -0.84 7.76 1.14
C ILE A 21 0.55 8.33 1.40
N SER A 22 1.46 7.48 1.84
CA SER A 22 2.83 7.92 2.13
C SER A 22 3.43 8.65 0.94
N ARG A 23 2.99 8.30 -0.26
CA ARG A 23 3.48 8.95 -1.47
C ARG A 23 2.68 10.21 -1.77
N VAL A 24 1.41 10.20 -1.36
CA VAL A 24 0.54 11.35 -1.57
C VAL A 24 1.05 12.55 -0.78
N LEU A 25 1.82 12.27 0.26
CA LEU A 25 2.39 13.32 1.10
C LEU A 25 3.51 14.07 0.38
N ASP A 26 3.61 13.86 -0.93
CA ASP A 26 4.64 14.51 -1.71
C ASP A 26 4.20 14.66 -3.16
N GLU A 27 3.73 13.56 -3.75
CA GLU A 27 3.26 13.55 -5.13
C GLU A 27 4.17 14.37 -6.05
N GLU A 28 5.26 13.75 -6.50
CA GLU A 28 6.21 14.43 -7.37
C GLU A 28 5.62 14.63 -8.76
N ASP A 29 5.44 15.89 -9.13
CA ASP A 29 4.88 16.23 -10.44
C ASP A 29 5.93 16.87 -11.33
N ASP A 30 6.04 16.37 -12.57
CA ASP A 30 7.01 16.90 -13.52
C ASP A 30 6.42 16.94 -14.93
N SER A 31 5.80 15.84 -15.34
CA SER A 31 5.20 15.75 -16.66
C SER A 31 3.74 15.33 -16.56
N ARG A 32 2.83 16.27 -16.78
CA ARG A 32 1.40 15.99 -16.72
C ARG A 32 0.98 15.10 -17.89
N LYS A 33 0.64 13.86 -17.58
CA LYS A 33 0.20 12.91 -18.60
C LYS A 33 -1.23 13.19 -19.03
N MET A 1 -11.03 -19.93 11.59
CA MET A 1 -9.77 -20.54 11.09
C MET A 1 -9.05 -19.59 10.13
N LYS A 2 -7.98 -18.97 10.63
CA LYS A 2 -7.20 -18.04 9.81
C LYS A 2 -5.82 -18.57 9.51
N ASP A 3 -5.63 -19.88 9.73
CA ASP A 3 -4.33 -20.51 9.48
C ASP A 3 -3.54 -19.72 8.45
N LEU A 4 -4.19 -19.43 7.32
CA LEU A 4 -3.57 -18.65 6.27
C LEU A 4 -4.32 -17.35 6.02
N MET A 5 -5.60 -17.32 6.39
CA MET A 5 -6.44 -16.13 6.20
C MET A 5 -5.72 -14.87 6.70
N SER A 6 -5.14 -14.96 7.89
CA SER A 6 -4.43 -13.84 8.48
C SER A 6 -3.17 -13.51 7.69
N LEU A 7 -2.69 -14.48 6.91
CA LEU A 7 -1.48 -14.29 6.11
C LEU A 7 -1.83 -13.75 4.72
N VAL A 8 -3.08 -13.93 4.31
CA VAL A 8 -3.53 -13.45 3.00
C VAL A 8 -3.93 -11.98 3.05
N ILE A 9 -3.97 -11.41 4.26
CA ILE A 9 -4.34 -10.02 4.43
C ILE A 9 -3.26 -9.24 5.18
N ALA A 10 -2.60 -9.91 6.13
CA ALA A 10 -1.54 -9.28 6.92
C ALA A 10 -0.51 -8.58 6.02
N PRO A 11 0.18 -9.34 5.15
CA PRO A 11 1.20 -8.79 4.25
C PRO A 11 0.63 -7.79 3.25
N ILE A 12 -0.37 -8.20 2.50
CA ILE A 12 -0.99 -7.34 1.49
C ILE A 12 -1.40 -5.99 2.07
N PHE A 13 -1.72 -5.98 3.35
CA PHE A 13 -2.13 -4.75 4.02
C PHE A 13 -1.00 -3.72 3.99
N VAL A 14 0.04 -3.97 4.79
CA VAL A 14 1.18 -3.06 4.86
C VAL A 14 1.75 -2.79 3.48
N GLY A 15 1.53 -3.71 2.54
CA GLY A 15 2.03 -3.54 1.19
C GLY A 15 1.20 -2.56 0.38
N LEU A 16 -0.10 -2.53 0.65
CA LEU A 16 -1.00 -1.63 -0.06
C LEU A 16 -1.02 -0.24 0.58
N VAL A 17 -0.80 -0.19 1.89
CA VAL A 17 -0.78 1.08 2.61
C VAL A 17 0.50 1.83 2.32
N LEU A 18 1.62 1.17 2.57
CA LEU A 18 2.93 1.77 2.34
C LEU A 18 2.99 2.43 0.96
N GLU A 19 2.24 1.88 0.02
CA GLU A 19 2.19 2.41 -1.34
C GLU A 19 1.28 3.63 -1.41
N MET A 20 0.12 3.53 -0.78
CA MET A 20 -0.85 4.61 -0.76
C MET A 20 -0.22 5.92 -0.33
N ILE A 21 0.85 5.85 0.44
CA ILE A 21 1.55 7.03 0.90
C ILE A 21 2.86 7.22 0.15
N SER A 22 3.54 6.10 -0.13
CA SER A 22 4.80 6.17 -0.86
C SER A 22 4.62 6.88 -2.19
N ARG A 23 3.39 6.82 -2.71
CA ARG A 23 3.07 7.47 -3.97
C ARG A 23 2.73 8.94 -3.73
N VAL A 24 2.17 9.23 -2.56
CA VAL A 24 1.82 10.59 -2.20
C VAL A 24 3.06 11.48 -2.22
N LEU A 25 4.18 10.89 -1.84
CA LEU A 25 5.45 11.60 -1.83
C LEU A 25 5.80 12.12 -3.22
N ASP A 26 5.09 11.63 -4.24
CA ASP A 26 5.35 12.04 -5.60
C ASP A 26 4.11 11.92 -6.47
N GLU A 27 2.94 12.05 -5.84
CA GLU A 27 1.67 11.96 -6.55
C GLU A 27 1.57 13.03 -7.65
N GLU A 28 0.41 13.11 -8.28
CA GLU A 28 0.20 14.10 -9.33
C GLU A 28 -0.20 15.44 -8.75
N ASP A 29 0.71 16.05 -8.00
CA ASP A 29 0.46 17.34 -7.38
C ASP A 29 0.92 18.48 -8.29
N ASP A 30 0.48 18.45 -9.54
CA ASP A 30 0.84 19.47 -10.51
C ASP A 30 2.35 19.52 -10.72
N SER A 31 2.80 19.03 -11.86
CA SER A 31 4.22 19.01 -12.19
C SER A 31 4.44 19.18 -13.69
N ARG A 32 5.42 20.02 -14.04
CA ARG A 32 5.73 20.29 -15.44
C ARG A 32 6.29 19.04 -16.11
N LYS A 33 7.08 18.27 -15.36
CA LYS A 33 7.68 17.05 -15.88
C LYS A 33 8.45 16.31 -14.79
N MET A 1 -9.83 -21.45 10.82
CA MET A 1 -10.66 -20.36 10.23
C MET A 1 -9.80 -19.35 9.49
N LYS A 2 -8.69 -18.96 10.11
CA LYS A 2 -7.78 -17.99 9.50
C LYS A 2 -6.45 -18.62 9.13
N ASP A 3 -6.41 -19.96 9.11
CA ASP A 3 -5.19 -20.69 8.78
C ASP A 3 -4.27 -19.82 7.92
N LEU A 4 -4.84 -19.27 6.86
CA LEU A 4 -4.08 -18.39 5.97
C LEU A 4 -4.67 -16.98 5.95
N MET A 5 -5.93 -16.85 6.33
CA MET A 5 -6.60 -15.55 6.35
C MET A 5 -5.75 -14.50 7.08
N SER A 6 -5.29 -14.85 8.27
CA SER A 6 -4.45 -13.95 9.06
C SER A 6 -3.08 -13.77 8.41
N LEU A 7 -2.72 -14.71 7.54
CA LEU A 7 -1.44 -14.66 6.85
C LEU A 7 -1.57 -13.92 5.51
N VAL A 8 -2.81 -13.62 5.12
CA VAL A 8 -3.06 -12.92 3.87
C VAL A 8 -3.39 -11.46 4.14
N ILE A 9 -4.50 -11.23 4.85
CA ILE A 9 -4.94 -9.88 5.17
C ILE A 9 -3.84 -9.07 5.85
N ALA A 10 -2.91 -9.76 6.49
CA ALA A 10 -1.82 -9.10 7.19
C ALA A 10 -0.81 -8.48 6.22
N PRO A 11 -0.15 -9.31 5.40
CA PRO A 11 0.86 -8.83 4.43
C PRO A 11 0.29 -7.83 3.43
N ILE A 12 -0.97 -8.03 3.03
CA ILE A 12 -1.61 -7.13 2.07
C ILE A 12 -1.87 -5.77 2.69
N PHE A 13 -2.05 -5.75 4.00
CA PHE A 13 -2.30 -4.51 4.72
C PHE A 13 -1.08 -3.60 4.66
N VAL A 14 -0.03 -4.00 5.37
CA VAL A 14 1.21 -3.22 5.40
C VAL A 14 1.73 -2.96 3.98
N GLY A 15 1.34 -3.80 3.04
CA GLY A 15 1.78 -3.63 1.67
C GLY A 15 0.97 -2.60 0.92
N LEU A 16 -0.32 -2.49 1.25
CA LEU A 16 -1.20 -1.54 0.60
C LEU A 16 -1.04 -0.14 1.21
N VAL A 17 -0.68 -0.08 2.48
CA VAL A 17 -0.49 1.19 3.16
C VAL A 17 0.84 1.79 2.78
N LEU A 18 1.91 1.07 3.08
CA LEU A 18 3.25 1.52 2.77
C LEU A 18 3.34 2.00 1.31
N GLU A 19 2.55 1.38 0.45
CA GLU A 19 2.53 1.73 -0.96
C GLU A 19 1.82 3.06 -1.16
N MET A 20 0.73 3.26 -0.44
CA MET A 20 -0.05 4.49 -0.53
C MET A 20 0.85 5.72 -0.40
N ILE A 21 1.64 5.76 0.67
CA ILE A 21 2.53 6.87 0.90
C ILE A 21 3.73 6.78 -0.04
N SER A 22 4.18 5.56 -0.30
CA SER A 22 5.30 5.34 -1.20
C SER A 22 5.02 6.01 -2.55
N ARG A 23 3.73 6.15 -2.87
CA ARG A 23 3.31 6.78 -4.10
C ARG A 23 3.34 8.29 -3.95
N VAL A 24 2.95 8.77 -2.77
CA VAL A 24 2.95 10.20 -2.49
C VAL A 24 4.32 10.78 -2.78
N LEU A 25 5.34 9.96 -2.56
CA LEU A 25 6.72 10.36 -2.82
C LEU A 25 6.99 10.51 -4.31
N ASP A 26 6.01 10.12 -5.13
CA ASP A 26 6.17 10.21 -6.57
C ASP A 26 4.82 10.37 -7.27
N GLU A 27 3.83 10.90 -6.55
CA GLU A 27 2.50 11.11 -7.10
C GLU A 27 2.53 12.15 -8.21
N GLU A 28 2.14 11.74 -9.42
CA GLU A 28 2.12 12.64 -10.56
C GLU A 28 0.78 13.35 -10.67
N ASP A 29 0.74 14.59 -10.18
CA ASP A 29 -0.49 15.38 -10.22
C ASP A 29 -0.23 16.75 -10.83
N ASP A 30 0.01 16.78 -12.14
CA ASP A 30 0.28 18.02 -12.85
C ASP A 30 1.50 18.73 -12.28
N SER A 31 2.68 18.39 -12.81
CA SER A 31 3.93 18.98 -12.35
C SER A 31 3.91 20.49 -12.56
N ARG A 32 3.97 20.92 -13.81
CA ARG A 32 3.96 22.34 -14.15
C ARG A 32 5.14 23.06 -13.50
N LYS A 33 5.22 24.37 -13.71
CA LYS A 33 6.30 25.17 -13.14
C LYS A 33 5.86 26.62 -12.98
N MET A 1 -9.58 -22.43 10.75
CA MET A 1 -8.50 -21.67 11.43
C MET A 1 -7.87 -20.64 10.50
N LYS A 2 -7.02 -19.78 11.06
CA LYS A 2 -6.36 -18.74 10.29
C LYS A 2 -4.87 -18.99 10.18
N ASP A 3 -4.43 -20.20 10.52
CA ASP A 3 -3.02 -20.55 10.48
C ASP A 3 -2.28 -19.67 9.48
N LEU A 4 -2.82 -19.57 8.27
CA LEU A 4 -2.24 -18.73 7.24
C LEU A 4 -3.18 -17.60 6.81
N MET A 5 -4.47 -17.79 7.04
CA MET A 5 -5.46 -16.78 6.67
C MET A 5 -5.07 -15.40 7.20
N SER A 6 -4.69 -15.35 8.48
CA SER A 6 -4.29 -14.10 9.10
C SER A 6 -2.93 -13.64 8.59
N LEU A 7 -2.19 -14.56 7.98
CA LEU A 7 -0.87 -14.25 7.43
C LEU A 7 -0.97 -13.78 5.99
N VAL A 8 -2.12 -13.98 5.37
CA VAL A 8 -2.35 -13.57 3.99
C VAL A 8 -3.00 -12.21 3.92
N ILE A 9 -4.21 -12.11 4.45
CA ILE A 9 -4.95 -10.84 4.45
C ILE A 9 -4.19 -9.75 5.20
N ALA A 10 -3.29 -10.15 6.09
CA ALA A 10 -2.51 -9.20 6.88
C ALA A 10 -1.55 -8.39 6.00
N PRO A 11 -0.58 -9.07 5.35
CA PRO A 11 0.41 -8.41 4.49
C PRO A 11 -0.23 -7.71 3.30
N ILE A 12 -1.11 -8.42 2.60
CA ILE A 12 -1.80 -7.87 1.44
C ILE A 12 -2.48 -6.55 1.77
N PHE A 13 -2.86 -6.40 3.02
CA PHE A 13 -3.52 -5.17 3.48
C PHE A 13 -2.55 -4.01 3.38
N VAL A 14 -1.58 -3.98 4.28
CA VAL A 14 -0.58 -2.92 4.30
C VAL A 14 0.12 -2.81 2.95
N GLY A 15 0.15 -3.92 2.21
CA GLY A 15 0.78 -3.91 0.90
C GLY A 15 0.04 -3.03 -0.09
N LEU A 16 -1.26 -2.89 0.11
CA LEU A 16 -2.08 -2.07 -0.78
C LEU A 16 -2.32 -0.68 -0.18
N VAL A 17 -2.24 -0.58 1.15
CA VAL A 17 -2.46 0.70 1.82
C VAL A 17 -1.18 1.52 1.86
N LEU A 18 -0.14 0.93 2.46
CA LEU A 18 1.14 1.60 2.57
C LEU A 18 1.59 2.14 1.22
N GLU A 19 1.15 1.49 0.15
CA GLU A 19 1.49 1.91 -1.21
C GLU A 19 0.63 3.10 -1.62
N MET A 20 -0.66 3.01 -1.35
CA MET A 20 -1.61 4.07 -1.69
C MET A 20 -1.09 5.44 -1.24
N ILE A 21 -0.56 5.50 -0.03
CA ILE A 21 -0.05 6.74 0.51
C ILE A 21 1.34 7.03 -0.05
N SER A 22 2.10 5.97 -0.31
CA SER A 22 3.44 6.11 -0.85
C SER A 22 3.43 6.91 -2.14
N ARG A 23 2.31 6.84 -2.87
CA ARG A 23 2.18 7.57 -4.12
C ARG A 23 1.96 9.04 -3.84
N VAL A 24 1.08 9.33 -2.88
CA VAL A 24 0.79 10.70 -2.50
C VAL A 24 2.08 11.42 -2.13
N LEU A 25 3.02 10.66 -1.59
CA LEU A 25 4.31 11.20 -1.20
C LEU A 25 5.06 11.75 -2.40
N ASP A 26 4.65 11.35 -3.59
CA ASP A 26 5.31 11.79 -4.80
C ASP A 26 4.37 11.78 -6.00
N GLU A 27 3.08 12.04 -5.74
CA GLU A 27 2.08 12.05 -6.79
C GLU A 27 2.19 13.32 -7.63
N GLU A 28 2.63 14.41 -7.00
CA GLU A 28 2.79 15.68 -7.70
C GLU A 28 4.04 15.68 -8.57
N ASP A 29 4.36 16.83 -9.14
CA ASP A 29 5.52 16.95 -10.00
C ASP A 29 6.22 18.29 -9.79
N ASP A 30 7.33 18.50 -10.49
CA ASP A 30 8.09 19.75 -10.36
C ASP A 30 7.76 20.70 -11.51
N SER A 31 6.63 21.37 -11.42
CA SER A 31 6.20 22.32 -12.45
C SER A 31 6.03 21.61 -13.79
N ARG A 32 5.62 20.35 -13.73
CA ARG A 32 5.41 19.56 -14.94
C ARG A 32 4.13 19.98 -15.66
N LYS A 33 4.00 19.58 -16.92
CA LYS A 33 2.83 19.93 -17.71
C LYS A 33 2.69 21.44 -17.84
N MET A 1 -10.60 -20.88 11.65
CA MET A 1 -9.12 -21.03 11.60
C MET A 1 -8.49 -20.04 10.63
N LYS A 2 -7.56 -19.23 11.14
CA LYS A 2 -6.89 -18.24 10.31
C LYS A 2 -5.42 -18.57 10.11
N ASP A 3 -5.04 -19.81 10.42
CA ASP A 3 -3.66 -20.25 10.27
C ASP A 3 -2.94 -19.40 9.23
N LEU A 4 -3.56 -19.27 8.07
CA LEU A 4 -3.00 -18.47 6.99
C LEU A 4 -3.92 -17.30 6.64
N MET A 5 -5.21 -17.42 6.98
CA MET A 5 -6.18 -16.37 6.69
C MET A 5 -5.70 -15.02 7.19
N SER A 6 -4.95 -15.02 8.29
CA SER A 6 -4.44 -13.79 8.87
C SER A 6 -3.10 -13.39 8.25
N LEU A 7 -2.60 -14.22 7.33
CA LEU A 7 -1.33 -13.94 6.66
C LEU A 7 -1.52 -13.77 5.16
N VAL A 8 -2.74 -14.02 4.67
CA VAL A 8 -3.04 -13.90 3.25
C VAL A 8 -3.61 -12.53 2.92
N ILE A 9 -4.21 -11.87 3.91
CA ILE A 9 -4.81 -10.56 3.70
C ILE A 9 -4.24 -9.52 4.67
N ALA A 10 -4.04 -9.91 5.92
CA ALA A 10 -3.51 -9.01 6.94
C ALA A 10 -2.25 -8.29 6.46
N PRO A 11 -1.23 -9.04 6.00
CA PRO A 11 0.02 -8.44 5.52
C PRO A 11 -0.14 -7.65 4.22
N ILE A 12 -0.74 -8.30 3.22
CA ILE A 12 -0.94 -7.66 1.92
C ILE A 12 -1.71 -6.34 2.06
N PHE A 13 -2.56 -6.26 3.06
CA PHE A 13 -3.34 -5.06 3.30
C PHE A 13 -2.44 -3.87 3.59
N VAL A 14 -1.83 -3.86 4.77
CA VAL A 14 -0.93 -2.78 5.17
C VAL A 14 0.14 -2.53 4.11
N GLY A 15 0.45 -3.57 3.33
CA GLY A 15 1.45 -3.43 2.29
C GLY A 15 0.92 -2.77 1.04
N LEU A 16 -0.38 -2.96 0.79
CA LEU A 16 -1.01 -2.38 -0.39
C LEU A 16 -1.44 -0.94 -0.12
N VAL A 17 -1.77 -0.65 1.13
CA VAL A 17 -2.18 0.70 1.53
C VAL A 17 -0.98 1.62 1.62
N LEU A 18 -0.03 1.24 2.48
CA LEU A 18 1.17 2.02 2.68
C LEU A 18 1.78 2.45 1.35
N GLU A 19 1.67 1.57 0.35
CA GLU A 19 2.21 1.85 -0.98
C GLU A 19 1.38 2.93 -1.67
N MET A 20 0.06 2.85 -1.50
CA MET A 20 -0.85 3.80 -2.11
C MET A 20 -0.44 5.24 -1.82
N ILE A 21 0.27 5.44 -0.72
CA ILE A 21 0.72 6.77 -0.34
C ILE A 21 2.24 6.86 -0.35
N SER A 22 2.90 5.79 0.07
CA SER A 22 4.35 5.76 0.13
C SER A 22 4.97 6.17 -1.22
N ARG A 23 4.25 5.89 -2.30
CA ARG A 23 4.72 6.23 -3.63
C ARG A 23 4.31 7.66 -3.98
N VAL A 24 3.17 8.09 -3.46
CA VAL A 24 2.69 9.45 -3.71
C VAL A 24 3.68 10.46 -3.18
N LEU A 25 4.48 10.04 -2.21
CA LEU A 25 5.49 10.90 -1.60
C LEU A 25 6.69 11.09 -2.53
N ASP A 26 6.54 10.72 -3.79
CA ASP A 26 7.62 10.83 -4.74
C ASP A 26 7.08 10.99 -6.17
N GLU A 27 6.02 10.25 -6.47
CA GLU A 27 5.40 10.30 -7.80
C GLU A 27 5.19 11.74 -8.26
N GLU A 28 4.90 11.91 -9.54
CA GLU A 28 4.68 13.24 -10.11
C GLU A 28 3.50 13.93 -9.42
N ASP A 29 3.39 15.24 -9.63
CA ASP A 29 2.32 16.01 -9.03
C ASP A 29 2.01 17.25 -9.86
N ASP A 30 1.09 18.08 -9.38
CA ASP A 30 0.71 19.30 -10.08
C ASP A 30 1.90 20.23 -10.25
N SER A 31 2.02 20.83 -11.42
CA SER A 31 3.12 21.76 -11.70
C SER A 31 2.81 22.62 -12.92
N ARG A 32 3.74 23.49 -13.27
CA ARG A 32 3.56 24.38 -14.42
C ARG A 32 4.42 23.93 -15.60
N LYS A 33 4.64 22.62 -15.69
CA LYS A 33 5.44 22.06 -16.77
C LYS A 33 4.72 22.18 -18.10
N MET A 1 -9.07 -23.07 6.06
CA MET A 1 -9.11 -22.37 4.75
C MET A 1 -8.19 -21.15 4.75
N LYS A 2 -8.24 -20.37 5.82
CA LYS A 2 -7.41 -19.17 5.95
C LYS A 2 -6.36 -19.33 7.03
N ASP A 3 -6.14 -20.57 7.47
CA ASP A 3 -5.15 -20.84 8.51
C ASP A 3 -4.09 -19.75 8.55
N LEU A 4 -3.53 -19.46 7.38
CA LEU A 4 -2.53 -18.40 7.25
C LEU A 4 -3.00 -17.28 6.34
N MET A 5 -3.95 -17.59 5.46
CA MET A 5 -4.47 -16.60 4.52
C MET A 5 -4.84 -15.31 5.24
N SER A 6 -5.58 -15.43 6.33
CA SER A 6 -5.99 -14.27 7.11
C SER A 6 -4.80 -13.61 7.78
N LEU A 7 -3.70 -14.36 7.91
CA LEU A 7 -2.49 -13.84 8.53
C LEU A 7 -1.57 -13.23 7.48
N VAL A 8 -1.84 -13.50 6.21
CA VAL A 8 -1.04 -12.97 5.12
C VAL A 8 -1.66 -11.69 4.56
N ILE A 9 -2.88 -11.81 4.04
CA ILE A 9 -3.58 -10.67 3.46
C ILE A 9 -3.81 -9.56 4.49
N ALA A 10 -3.77 -9.93 5.76
CA ALA A 10 -3.97 -8.97 6.85
C ALA A 10 -2.82 -7.97 6.94
N PRO A 11 -1.60 -8.46 7.24
CA PRO A 11 -0.41 -7.60 7.38
C PRO A 11 -0.06 -6.89 6.08
N ILE A 12 -0.05 -7.63 4.98
CA ILE A 12 0.28 -7.08 3.67
C ILE A 12 -0.58 -5.86 3.35
N PHE A 13 -1.76 -5.81 3.96
CA PHE A 13 -2.67 -4.70 3.75
C PHE A 13 -2.07 -3.39 4.26
N VAL A 14 -1.94 -3.28 5.58
CA VAL A 14 -1.38 -2.08 6.19
C VAL A 14 -0.06 -1.69 5.54
N GLY A 15 0.64 -2.68 4.98
CA GLY A 15 1.92 -2.42 4.34
C GLY A 15 1.75 -1.84 2.95
N LEU A 16 0.76 -2.34 2.22
CA LEU A 16 0.50 -1.87 0.86
C LEU A 16 -0.15 -0.48 0.87
N VAL A 17 -0.93 -0.21 1.92
CA VAL A 17 -1.60 1.08 2.04
C VAL A 17 -0.61 2.16 2.41
N LEU A 18 0.19 1.88 3.44
CA LEU A 18 1.17 2.83 3.91
C LEU A 18 2.02 3.36 2.75
N GLU A 19 2.21 2.53 1.73
CA GLU A 19 2.98 2.91 0.55
C GLU A 19 2.18 3.85 -0.34
N MET A 20 0.89 3.56 -0.49
CA MET A 20 0.00 4.37 -1.30
C MET A 20 0.09 5.85 -0.93
N ILE A 21 0.13 6.12 0.37
CA ILE A 21 0.22 7.48 0.86
C ILE A 21 1.67 7.93 0.93
N SER A 22 2.56 7.01 1.26
CA SER A 22 3.98 7.32 1.35
C SER A 22 4.49 7.91 0.05
N ARG A 23 3.86 7.52 -1.06
CA ARG A 23 4.25 8.02 -2.38
C ARG A 23 3.76 9.45 -2.55
N VAL A 24 2.52 9.70 -2.13
CA VAL A 24 1.95 11.03 -2.23
C VAL A 24 2.83 12.04 -1.51
N LEU A 25 3.48 11.57 -0.46
CA LEU A 25 4.37 12.41 0.32
C LEU A 25 5.51 12.95 -0.52
N ASP A 26 5.76 12.30 -1.65
CA ASP A 26 6.84 12.71 -2.53
C ASP A 26 6.56 12.32 -3.98
N GLU A 27 5.29 12.32 -4.36
CA GLU A 27 4.90 11.97 -5.72
C GLU A 27 4.94 13.19 -6.63
N GLU A 28 5.46 13.00 -7.83
CA GLU A 28 5.56 14.08 -8.81
C GLU A 28 4.17 14.62 -9.15
N ASP A 29 4.02 15.94 -9.09
CA ASP A 29 2.74 16.58 -9.39
C ASP A 29 2.81 17.32 -10.72
N ASP A 30 3.55 16.76 -11.67
CA ASP A 30 3.70 17.38 -12.99
C ASP A 30 2.50 17.04 -13.88
N SER A 31 1.60 18.01 -14.02
CA SER A 31 0.41 17.83 -14.84
C SER A 31 0.76 17.92 -16.33
N ARG A 32 1.13 19.12 -16.77
CA ARG A 32 1.49 19.34 -18.17
C ARG A 32 2.88 18.81 -18.47
N LYS A 33 2.97 17.52 -18.78
CA LYS A 33 4.25 16.90 -19.08
C LYS A 33 4.41 16.67 -20.58
N MET A 1 -8.75 -22.33 11.23
CA MET A 1 -7.32 -21.97 11.39
C MET A 1 -6.87 -20.98 10.32
N LYS A 2 -6.34 -19.85 10.75
CA LYS A 2 -5.87 -18.82 9.82
C LYS A 2 -4.36 -18.68 9.85
N ASP A 3 -3.68 -19.66 10.45
CA ASP A 3 -2.22 -19.64 10.55
C ASP A 3 -1.63 -18.76 9.45
N LEU A 4 -2.06 -19.00 8.22
CA LEU A 4 -1.59 -18.22 7.08
C LEU A 4 -2.73 -17.45 6.41
N MET A 5 -3.97 -17.86 6.68
CA MET A 5 -5.13 -17.20 6.07
C MET A 5 -5.13 -15.71 6.38
N SER A 6 -4.71 -15.36 7.60
CA SER A 6 -4.65 -13.96 8.00
C SER A 6 -3.32 -13.33 7.61
N LEU A 7 -2.51 -14.08 6.85
CA LEU A 7 -1.22 -13.58 6.39
C LEU A 7 -1.16 -13.51 4.86
N VAL A 8 -2.16 -14.10 4.19
CA VAL A 8 -2.19 -14.10 2.74
C VAL A 8 -2.83 -12.83 2.18
N ILE A 9 -3.75 -12.23 2.94
CA ILE A 9 -4.44 -11.02 2.51
C ILE A 9 -4.32 -9.88 3.53
N ALA A 10 -4.32 -10.23 4.81
CA ALA A 10 -4.22 -9.23 5.87
C ALA A 10 -3.01 -8.31 5.68
N PRO A 11 -1.79 -8.87 5.62
CA PRO A 11 -0.57 -8.08 5.47
C PRO A 11 -0.51 -7.36 4.12
N ILE A 12 -0.67 -8.12 3.04
CA ILE A 12 -0.61 -7.57 1.70
C ILE A 12 -1.54 -6.36 1.55
N PHE A 13 -2.61 -6.35 2.32
CA PHE A 13 -3.56 -5.26 2.30
C PHE A 13 -2.91 -3.97 2.77
N VAL A 14 -2.66 -3.88 4.06
CA VAL A 14 -2.04 -2.70 4.65
C VAL A 14 -0.72 -2.37 3.95
N GLY A 15 -0.11 -3.38 3.33
CA GLY A 15 1.16 -3.16 2.65
C GLY A 15 0.98 -2.46 1.31
N LEU A 16 -0.16 -2.68 0.67
CA LEU A 16 -0.45 -2.06 -0.62
C LEU A 16 -1.12 -0.70 -0.43
N VAL A 17 -1.88 -0.56 0.65
CA VAL A 17 -2.56 0.69 0.95
C VAL A 17 -1.58 1.73 1.46
N LEU A 18 -0.84 1.36 2.50
CA LEU A 18 0.13 2.26 3.12
C LEU A 18 0.98 2.94 2.06
N GLU A 19 1.20 2.25 0.94
CA GLU A 19 1.99 2.79 -0.16
C GLU A 19 1.17 3.78 -0.98
N MET A 20 -0.05 3.37 -1.34
CA MET A 20 -0.95 4.20 -2.13
C MET A 20 -0.99 5.63 -1.60
N ILE A 21 -1.03 5.77 -0.29
CA ILE A 21 -1.08 7.07 0.34
C ILE A 21 0.32 7.67 0.44
N SER A 22 1.31 6.81 0.62
CA SER A 22 2.70 7.26 0.73
C SER A 22 3.10 8.07 -0.50
N ARG A 23 2.49 7.75 -1.64
CA ARG A 23 2.79 8.47 -2.87
C ARG A 23 2.16 9.86 -2.84
N VAL A 24 0.90 9.92 -2.43
CA VAL A 24 0.18 11.19 -2.33
C VAL A 24 0.99 12.17 -1.50
N LEU A 25 1.71 11.63 -0.53
CA LEU A 25 2.54 12.44 0.34
C LEU A 25 3.64 13.15 -0.43
N ASP A 26 3.91 12.67 -1.64
CA ASP A 26 4.94 13.27 -2.46
C ASP A 26 4.67 13.06 -3.95
N GLU A 27 3.40 13.03 -4.32
CA GLU A 27 3.01 12.83 -5.70
C GLU A 27 2.67 14.16 -6.37
N GLU A 28 3.35 15.22 -5.93
CA GLU A 28 3.12 16.56 -6.48
C GLU A 28 4.16 16.88 -7.55
N ASP A 29 5.36 16.34 -7.39
CA ASP A 29 6.44 16.57 -8.34
C ASP A 29 6.04 16.10 -9.74
N ASP A 30 5.91 17.06 -10.66
CA ASP A 30 5.54 16.74 -12.03
C ASP A 30 6.78 16.64 -12.93
N SER A 31 6.56 16.42 -14.22
CA SER A 31 7.65 16.30 -15.17
C SER A 31 7.61 17.44 -16.18
N ARG A 32 6.42 17.71 -16.72
CA ARG A 32 6.25 18.78 -17.69
C ARG A 32 4.92 19.50 -17.49
N LYS A 33 3.86 18.73 -17.32
CA LYS A 33 2.53 19.28 -17.12
C LYS A 33 2.20 19.38 -15.63
#